data_5F5N
#
_entry.id   5F5N
#
_cell.length_a   56.476
_cell.length_b   66.025
_cell.length_c   176.319
_cell.angle_alpha   90.000
_cell.angle_beta   90.000
_cell.angle_gamma   90.000
#
_symmetry.space_group_name_H-M   'P 21 21 21'
#
loop_
_entity.id
_entity.type
_entity.pdbx_description
1 polymer Monooxygenase
2 non-polymer NICOTINAMIDE-ADENINE-DINUCLEOTIDE
3 non-polymer 'methyl (1~{R},2~{R},4~{S})-2-methyl-2,4,5,7,10-pentakis(oxidanyl)-6,11-bis(oxidanylidene)-3,4-dihydro-1~{H}-tetracene-1-carboxylate'
4 non-polymer GLYCEROL
5 non-polymer '4-(2-HYDROXYETHYL)-1-PIPERAZINE ETHANESULFONIC ACID'
6 non-polymer 'MAGNESIUM ION'
7 water water
#
_entity_poly.entity_id   1
_entity_poly.type   'polypeptide(L)'
_entity_poly.pdbx_seq_one_letter_code
;NRTILVTGATGTQGGATVRALLARGRPVRALVRDPGTDAARALAAAGVSLVTGDLNDQASLRAAMADVHGVFSVQTFMTP
GGLGAELRQGRAVADAAAATGVRHVVYSSVGGADRASGVPHFETKWTIERHLRSLGVPTTVLRPTFFMDNFAAWGPQAVD
GTLVVRLPLKPQTRVQLIAAEDIGVFAATAFDDPDTYVGAALELAGDELTGPELAARFGELAGMPARFEERSLDEAAADP
WIPYSHEIAVMFEWFQTDGYAADIAALRARHPGLRTFADWLRAIGWRVP
;
_entity_poly.pdbx_strand_id   A,B
#
loop_
_chem_comp.id
_chem_comp.type
_chem_comp.name
_chem_comp.formula
5VD non-polymer 'methyl (1~{R},2~{R},4~{S})-2-methyl-2,4,5,7,10-pentakis(oxidanyl)-6,11-bis(oxidanylidene)-3,4-dihydro-1~{H}-tetracene-1-carboxylate' 'C21 H18 O9'
EPE non-polymer '4-(2-HYDROXYETHYL)-1-PIPERAZINE ETHANESULFONIC ACID' 'C8 H18 N2 O4 S'
GOL non-polymer GLYCEROL 'C3 H8 O3'
MG non-polymer 'MAGNESIUM ION' 'Mg 2'
NAD non-polymer NICOTINAMIDE-ADENINE-DINUCLEOTIDE 'C21 H27 N7 O14 P2'
#
# COMPACT_ATOMS: atom_id res chain seq x y z
N ASN A 1 27.10 25.51 -7.91
CA ASN A 1 27.06 24.11 -8.32
C ASN A 1 25.75 23.76 -9.02
N ARG A 2 25.86 23.17 -10.22
CA ARG A 2 24.70 22.80 -11.02
C ARG A 2 24.47 21.29 -11.02
N THR A 3 25.21 20.58 -10.18
CA THR A 3 25.14 19.11 -10.15
C THR A 3 23.75 18.59 -9.78
N ILE A 4 23.32 17.55 -10.48
CA ILE A 4 22.11 16.82 -10.15
C ILE A 4 22.48 15.44 -9.61
N LEU A 5 21.96 15.10 -8.42
CA LEU A 5 22.06 13.74 -7.90
C LEU A 5 20.90 12.93 -8.45
N VAL A 6 21.22 11.82 -9.10
CA VAL A 6 20.21 10.93 -9.64
C VAL A 6 20.12 9.67 -8.79
N THR A 7 19.00 9.49 -8.11
CA THR A 7 18.74 8.22 -7.44
C THR A 7 18.25 7.21 -8.48
N GLY A 8 18.44 5.92 -8.20
CA GLY A 8 18.02 4.88 -9.13
C GLY A 8 18.73 4.97 -10.48
N ALA A 9 19.96 5.47 -10.47
CA ALA A 9 20.70 5.78 -11.70
C ALA A 9 20.97 4.57 -12.59
N THR A 10 21.06 3.38 -11.99
CA THR A 10 21.30 2.17 -12.77
C THR A 10 19.99 1.53 -13.25
N GLY A 11 18.87 2.13 -12.86
CA GLY A 11 17.55 1.63 -13.24
C GLY A 11 16.94 2.32 -14.46
N THR A 12 15.68 2.03 -14.73
CA THR A 12 15.03 2.49 -15.95
C THR A 12 14.83 4.00 -15.97
N GLN A 13 14.15 4.54 -14.97
CA GLN A 13 13.89 5.97 -14.93
C GLN A 13 15.15 6.80 -14.67
N GLY A 14 15.93 6.38 -13.69
CA GLY A 14 17.16 7.06 -13.36
C GLY A 14 18.16 7.06 -14.52
N GLY A 15 18.28 5.92 -15.20
CA GLY A 15 19.19 5.82 -16.33
C GLY A 15 18.81 6.75 -17.46
N ALA A 16 17.50 6.82 -17.74
CA ALA A 16 17.00 7.73 -18.77
C ALA A 16 17.27 9.17 -18.38
N THR A 17 17.15 9.47 -17.09
CA THR A 17 17.39 10.81 -16.59
C THR A 17 18.86 11.20 -16.70
N VAL A 18 19.75 10.28 -16.34
CA VAL A 18 21.18 10.53 -16.53
C VAL A 18 21.50 10.92 -17.98
N ARG A 19 20.95 10.17 -18.94
CA ARG A 19 21.25 10.45 -20.34
C ARG A 19 20.76 11.82 -20.77
N ALA A 20 19.55 12.17 -20.36
CA ALA A 20 18.98 13.47 -20.71
C ALA A 20 19.74 14.64 -20.05
N LEU A 21 20.22 14.43 -18.83
CA LEU A 21 20.99 15.46 -18.13
C LEU A 21 22.35 15.69 -18.82
N LEU A 22 23.01 14.60 -19.17
CA LEU A 22 24.29 14.70 -19.87
C LEU A 22 24.10 15.44 -21.18
N ALA A 23 22.99 15.18 -21.88
CA ALA A 23 22.70 15.85 -23.14
C ALA A 23 22.57 17.37 -22.98
N ARG A 24 22.13 17.81 -21.80
CA ARG A 24 21.91 19.23 -21.51
C ARG A 24 23.09 19.91 -20.82
N GLY A 25 24.18 19.17 -20.64
CA GLY A 25 25.38 19.75 -20.07
C GLY A 25 25.40 19.84 -18.55
N ARG A 26 24.47 19.16 -17.88
CA ARG A 26 24.48 19.14 -16.42
C ARG A 26 25.54 18.18 -15.91
N PRO A 27 26.28 18.60 -14.87
CA PRO A 27 27.09 17.61 -14.13
C PRO A 27 26.14 16.64 -13.40
N VAL A 28 26.46 15.36 -13.43
CA VAL A 28 25.58 14.34 -12.86
C VAL A 28 26.34 13.53 -11.81
N ARG A 29 25.70 13.32 -10.67
CA ARG A 29 26.21 12.46 -9.62
C ARG A 29 25.19 11.34 -9.45
N ALA A 30 25.63 10.09 -9.36
CA ALA A 30 24.73 8.94 -9.28
C ALA A 30 24.81 8.27 -7.92
N LEU A 31 23.66 8.08 -7.27
CA LEU A 31 23.61 7.30 -6.03
C LEU A 31 23.63 5.82 -6.37
N VAL A 32 24.65 5.11 -5.90
CA VAL A 32 24.75 3.67 -6.10
C VAL A 32 25.06 2.98 -4.78
N ARG A 33 24.43 1.83 -4.56
CA ARG A 33 24.72 1.06 -3.35
C ARG A 33 26.10 0.42 -3.43
N ASP A 34 26.51 0.05 -4.63
CA ASP A 34 27.77 -0.64 -4.87
C ASP A 34 28.41 -0.06 -6.12
N PRO A 35 29.47 0.74 -5.94
CA PRO A 35 30.10 1.40 -7.10
C PRO A 35 30.93 0.45 -7.98
N GLY A 36 31.05 -0.81 -7.59
CA GLY A 36 31.84 -1.77 -8.33
C GLY A 36 31.08 -2.60 -9.35
N THR A 37 29.76 -2.43 -9.43
CA THR A 37 28.97 -3.17 -10.41
C THR A 37 29.30 -2.71 -11.83
N ASP A 38 28.98 -3.55 -12.82
CA ASP A 38 29.19 -3.17 -14.22
C ASP A 38 28.40 -1.90 -14.55
N ALA A 39 27.16 -1.82 -14.08
CA ALA A 39 26.31 -0.66 -14.36
C ALA A 39 26.88 0.61 -13.75
N ALA A 40 27.38 0.53 -12.52
CA ALA A 40 27.98 1.69 -11.88
C ALA A 40 29.27 2.12 -12.58
N ARG A 41 30.11 1.15 -12.94
CA ARG A 41 31.34 1.44 -13.66
C ARG A 41 31.06 2.08 -15.02
N ALA A 42 29.97 1.68 -15.67
CA ALA A 42 29.60 2.29 -16.96
C ALA A 42 29.17 3.74 -16.78
N LEU A 43 28.48 4.04 -15.68
CA LEU A 43 28.12 5.42 -15.38
C LEU A 43 29.40 6.24 -15.19
N ALA A 44 30.31 5.73 -14.38
CA ALA A 44 31.57 6.42 -14.14
C ALA A 44 32.33 6.67 -15.44
N ALA A 45 32.35 5.68 -16.33
CA ALA A 45 33.06 5.79 -17.61
C ALA A 45 32.44 6.88 -18.51
N ALA A 46 31.17 7.21 -18.26
CA ALA A 46 30.45 8.24 -19.00
C ALA A 46 30.68 9.64 -18.43
N GLY A 47 31.45 9.74 -17.36
CA GLY A 47 31.70 11.04 -16.75
C GLY A 47 30.69 11.40 -15.66
N VAL A 48 29.94 10.41 -15.20
CA VAL A 48 29.02 10.58 -14.07
C VAL A 48 29.80 10.26 -12.80
N SER A 49 29.69 11.13 -11.80
N SER A 49 29.73 11.13 -11.80
CA SER A 49 30.36 10.92 -10.52
CA SER A 49 30.43 10.86 -10.56
C SER A 49 29.55 9.95 -9.68
C SER A 49 29.59 9.96 -9.68
N LEU A 50 30.20 8.98 -9.04
CA LEU A 50 29.50 8.03 -8.20
C LEU A 50 29.57 8.44 -6.75
N VAL A 51 28.48 8.24 -6.03
N VAL A 51 28.50 8.20 -6.00
CA VAL A 51 28.50 8.32 -4.57
CA VAL A 51 28.55 8.33 -4.55
C VAL A 51 27.82 7.09 -3.99
C VAL A 51 27.82 7.13 -3.96
N THR A 52 28.45 6.50 -2.98
CA THR A 52 27.91 5.30 -2.37
C THR A 52 26.86 5.64 -1.32
N GLY A 53 25.69 5.02 -1.43
CA GLY A 53 24.64 5.22 -0.45
C GLY A 53 23.46 4.32 -0.72
N ASP A 54 22.46 4.45 0.14
CA ASP A 54 21.32 3.56 0.12
C ASP A 54 20.11 4.37 0.57
N LEU A 55 19.00 4.21 -0.14
CA LEU A 55 17.77 4.92 0.19
C LEU A 55 17.23 4.59 1.59
N ASN A 56 17.67 3.47 2.17
CA ASN A 56 17.29 3.12 3.54
C ASN A 56 18.19 3.77 4.60
N ASP A 57 19.27 4.41 4.14
CA ASP A 57 20.28 4.98 5.02
C ASP A 57 20.24 6.51 4.91
N GLN A 58 19.55 7.16 5.84
CA GLN A 58 19.34 8.60 5.76
C GLN A 58 20.63 9.43 5.77
N ALA A 59 21.58 9.04 6.62
CA ALA A 59 22.87 9.70 6.65
C ALA A 59 23.56 9.65 5.28
N SER A 60 23.47 8.49 4.62
CA SER A 60 24.10 8.35 3.31
C SER A 60 23.42 9.24 2.26
N LEU A 61 22.11 9.45 2.41
CA LEU A 61 21.39 10.33 1.51
C LEU A 61 21.82 11.79 1.69
N ARG A 62 21.96 12.23 2.93
CA ARG A 62 22.45 13.59 3.19
C ARG A 62 23.84 13.80 2.60
N ALA A 63 24.73 12.82 2.78
CA ALA A 63 26.08 12.91 2.23
C ALA A 63 26.03 12.99 0.71
N ALA A 64 25.17 12.18 0.10
CA ALA A 64 25.06 12.14 -1.36
C ALA A 64 24.58 13.46 -1.95
N MET A 65 23.84 14.22 -1.15
CA MET A 65 23.29 15.49 -1.61
C MET A 65 24.21 16.69 -1.35
N ALA A 66 25.39 16.45 -0.78
CA ALA A 66 26.30 17.55 -0.47
C ALA A 66 26.57 18.41 -1.70
N ASP A 67 26.23 19.69 -1.58
CA ASP A 67 26.50 20.72 -2.59
C ASP A 67 25.70 20.62 -3.88
N VAL A 68 24.83 19.63 -4.01
CA VAL A 68 24.13 19.48 -5.28
C VAL A 68 23.03 20.53 -5.44
N HIS A 69 22.75 20.88 -6.69
CA HIS A 69 21.63 21.76 -7.01
C HIS A 69 20.30 21.02 -6.91
N GLY A 70 20.24 19.84 -7.51
CA GLY A 70 18.98 19.13 -7.66
C GLY A 70 19.08 17.65 -7.39
N VAL A 71 17.92 17.02 -7.16
CA VAL A 71 17.85 15.58 -6.94
C VAL A 71 16.72 15.00 -7.79
N PHE A 72 17.01 13.95 -8.55
CA PHE A 72 15.95 13.15 -9.17
C PHE A 72 15.64 12.00 -8.23
N SER A 73 14.40 11.95 -7.75
CA SER A 73 13.96 10.99 -6.74
C SER A 73 13.04 9.92 -7.33
N VAL A 74 13.45 8.66 -7.23
CA VAL A 74 12.65 7.51 -7.69
C VAL A 74 12.88 6.36 -6.73
N GLN A 75 11.83 5.59 -6.46
CA GLN A 75 11.93 4.41 -5.61
C GLN A 75 11.23 3.23 -6.26
N THR A 76 11.61 2.05 -5.80
N THR A 76 11.62 2.03 -5.84
CA THR A 76 11.06 0.76 -6.20
CA THR A 76 10.92 0.83 -6.25
C THR A 76 10.23 0.20 -5.03
C THR A 76 10.18 0.27 -5.05
N PHE A 77 9.15 -0.52 -5.31
CA PHE A 77 8.41 -1.21 -4.25
C PHE A 77 8.58 -2.72 -4.34
N MET A 78 9.19 -3.20 -5.41
CA MET A 78 9.37 -4.64 -5.58
C MET A 78 10.73 -5.09 -5.06
N THR A 79 10.86 -4.96 -3.74
CA THR A 79 12.02 -5.39 -2.96
C THR A 79 11.49 -6.07 -1.73
N PRO A 80 12.37 -6.73 -0.95
CA PRO A 80 12.06 -7.30 0.36
C PRO A 80 11.22 -6.40 1.29
N GLY A 81 11.49 -5.10 1.28
CA GLY A 81 10.77 -4.16 2.14
C GLY A 81 9.47 -3.64 1.56
N GLY A 82 9.22 -3.92 0.28
CA GLY A 82 7.93 -3.67 -0.32
C GLY A 82 7.43 -2.23 -0.30
N LEU A 83 6.12 -2.11 -0.16
CA LEU A 83 5.44 -0.82 -0.24
CA LEU A 83 5.44 -0.82 -0.24
C LEU A 83 5.86 0.12 0.89
N GLY A 84 5.97 -0.43 2.10
CA GLY A 84 6.40 0.33 3.25
C GLY A 84 7.79 0.92 3.04
N ALA A 85 8.69 0.13 2.47
CA ALA A 85 10.04 0.63 2.23
C ALA A 85 10.02 1.72 1.16
N GLU A 86 9.23 1.54 0.12
CA GLU A 86 9.15 2.56 -0.94
C GLU A 86 8.76 3.89 -0.33
N LEU A 87 7.72 3.87 0.48
CA LEU A 87 7.22 5.08 1.11
CA LEU A 87 7.22 5.08 1.12
C LEU A 87 8.27 5.73 2.00
N ARG A 88 8.88 4.95 2.89
CA ARG A 88 9.88 5.51 3.80
C ARG A 88 11.06 6.10 3.03
N GLN A 89 11.48 5.41 1.96
CA GLN A 89 12.59 5.89 1.14
C GLN A 89 12.26 7.21 0.46
N GLY A 90 11.06 7.32 -0.10
CA GLY A 90 10.67 8.55 -0.76
C GLY A 90 10.64 9.73 0.20
N ARG A 91 10.13 9.49 1.41
CA ARG A 91 10.12 10.53 2.42
C ARG A 91 11.53 10.84 2.94
N ALA A 92 12.39 9.83 2.97
CA ALA A 92 13.77 10.03 3.40
C ALA A 92 14.52 10.92 2.41
N VAL A 93 14.28 10.73 1.12
CA VAL A 93 14.90 11.59 0.11
C VAL A 93 14.45 13.03 0.33
N ALA A 94 13.15 13.20 0.57
CA ALA A 94 12.59 14.52 0.82
C ALA A 94 13.22 15.17 2.06
N ASP A 95 13.31 14.40 3.15
CA ASP A 95 13.89 14.92 4.38
C ASP A 95 15.36 15.29 4.20
N ALA A 96 16.10 14.47 3.48
CA ALA A 96 17.52 14.76 3.26
C ALA A 96 17.69 16.01 2.40
N ALA A 97 16.82 16.18 1.42
CA ALA A 97 16.87 17.36 0.56
C ALA A 97 16.61 18.61 1.39
N ALA A 98 15.65 18.53 2.29
CA ALA A 98 15.34 19.63 3.19
C ALA A 98 16.52 19.95 4.11
N ALA A 99 17.18 18.91 4.61
CA ALA A 99 18.26 19.08 5.57
C ALA A 99 19.54 19.63 4.94
N THR A 100 19.71 19.43 3.64
CA THR A 100 20.95 19.79 2.96
C THR A 100 20.82 21.00 2.03
N GLY A 101 19.63 21.59 1.96
CA GLY A 101 19.43 22.79 1.16
C GLY A 101 19.39 22.58 -0.34
N VAL A 102 18.94 21.39 -0.76
CA VAL A 102 18.72 21.11 -2.18
C VAL A 102 17.70 22.11 -2.77
N ARG A 103 18.02 22.69 -3.91
CA ARG A 103 17.18 23.74 -4.49
C ARG A 103 16.02 23.23 -5.35
N HIS A 104 16.10 22.00 -5.84
CA HIS A 104 15.04 21.48 -6.70
C HIS A 104 15.00 19.96 -6.68
N VAL A 105 13.87 19.38 -6.27
CA VAL A 105 13.67 17.94 -6.38
C VAL A 105 12.71 17.65 -7.53
N VAL A 106 13.10 16.76 -8.42
CA VAL A 106 12.16 16.19 -9.38
C VAL A 106 11.82 14.80 -8.87
N TYR A 107 10.57 14.62 -8.45
CA TYR A 107 10.11 13.34 -7.92
C TYR A 107 9.25 12.64 -8.94
N SER A 108 9.56 11.38 -9.24
CA SER A 108 8.71 10.58 -10.13
C SER A 108 7.68 9.78 -9.34
N SER A 109 6.41 10.09 -9.61
CA SER A 109 5.26 9.49 -8.97
C SER A 109 4.62 8.55 -10.00
N VAL A 110 3.32 8.65 -10.20
CA VAL A 110 2.63 7.82 -11.19
C VAL A 110 1.34 8.53 -11.59
N GLY A 111 0.95 8.40 -12.85
CA GLY A 111 -0.31 8.96 -13.31
C GLY A 111 -1.47 8.52 -12.42
N GLY A 112 -2.35 9.44 -12.07
CA GLY A 112 -3.50 9.10 -11.25
C GLY A 112 -3.23 9.02 -9.76
N ALA A 113 -1.99 9.28 -9.32
CA ALA A 113 -1.67 9.28 -7.89
C ALA A 113 -2.59 10.23 -7.14
N ASP A 114 -2.96 11.32 -7.80
CA ASP A 114 -3.79 12.38 -7.23
C ASP A 114 -5.29 12.12 -7.33
N ARG A 115 -5.68 10.99 -7.91
CA ARG A 115 -7.08 10.71 -8.18
C ARG A 115 -7.66 9.57 -7.33
N ALA A 116 -7.10 9.38 -6.14
CA ALA A 116 -7.66 8.42 -5.17
C ALA A 116 -7.91 7.04 -5.79
N SER A 117 -6.88 6.51 -6.44
CA SER A 117 -6.97 5.25 -7.16
C SER A 117 -7.18 4.04 -6.25
N GLY A 118 -6.63 4.10 -5.04
CA GLY A 118 -6.62 2.96 -4.14
C GLY A 118 -5.57 1.90 -4.50
N VAL A 119 -4.84 2.09 -5.59
CA VAL A 119 -3.80 1.14 -5.96
C VAL A 119 -2.65 1.30 -4.97
N PRO A 120 -2.24 0.22 -4.27
CA PRO A 120 -1.34 0.46 -3.14
C PRO A 120 -0.02 1.15 -3.50
N HIS A 121 0.58 0.80 -4.63
CA HIS A 121 1.83 1.44 -5.07
C HIS A 121 1.61 2.78 -5.79
N PHE A 122 0.36 3.21 -5.91
CA PHE A 122 0.05 4.58 -6.31
C PHE A 122 -0.11 5.44 -5.07
N GLU A 123 -0.77 4.88 -4.05
CA GLU A 123 -1.01 5.61 -2.81
C GLU A 123 0.30 5.93 -2.07
N THR A 124 1.27 5.03 -2.13
CA THR A 124 2.61 5.32 -1.57
C THR A 124 3.18 6.60 -2.17
N LYS A 125 3.07 6.71 -3.50
CA LYS A 125 3.64 7.83 -4.22
C LYS A 125 2.90 9.12 -3.89
N TRP A 126 1.57 9.05 -3.77
CA TRP A 126 0.78 10.22 -3.38
C TRP A 126 1.20 10.71 -2.00
N THR A 127 1.46 9.77 -1.09
CA THR A 127 1.92 10.12 0.25
C THR A 127 3.29 10.81 0.21
N ILE A 128 4.20 10.33 -0.65
CA ILE A 128 5.50 10.98 -0.83
C ILE A 128 5.35 12.39 -1.41
N GLU A 129 4.49 12.54 -2.42
CA GLU A 129 4.21 13.86 -2.98
C GLU A 129 3.77 14.85 -1.91
N ARG A 130 2.84 14.40 -1.08
CA ARG A 130 2.28 15.23 -0.02
CA ARG A 130 2.30 15.28 -0.06
C ARG A 130 3.35 15.64 0.98
N HIS A 131 4.27 14.72 1.25
CA HIS A 131 5.34 15.01 2.19
C HIS A 131 6.28 16.10 1.64
N LEU A 132 6.63 15.98 0.36
CA LEU A 132 7.46 17.01 -0.29
C LEU A 132 6.80 18.39 -0.20
N ARG A 133 5.50 18.45 -0.47
N ARG A 133 5.50 18.45 -0.49
CA ARG A 133 4.79 19.72 -0.41
CA ARG A 133 4.78 19.72 -0.43
C ARG A 133 4.68 20.27 1.01
C ARG A 133 4.71 20.26 0.99
N SER A 134 4.58 19.37 1.98
CA SER A 134 4.50 19.77 3.38
C SER A 134 5.82 20.39 3.88
N LEU A 135 6.93 19.90 3.35
CA LEU A 135 8.25 20.39 3.75
C LEU A 135 8.58 21.72 3.10
N GLY A 136 7.90 22.05 2.01
CA GLY A 136 8.27 23.22 1.24
C GLY A 136 9.55 23.04 0.41
N VAL A 137 9.98 21.81 0.18
CA VAL A 137 11.09 21.61 -0.73
CA VAL A 137 11.08 21.55 -0.75
C VAL A 137 10.61 21.88 -2.16
N PRO A 138 11.34 22.75 -2.88
CA PRO A 138 10.87 23.07 -4.25
C PRO A 138 10.90 21.83 -5.12
N THR A 139 9.75 21.49 -5.69
CA THR A 139 9.53 20.17 -6.25
C THR A 139 8.74 20.21 -7.56
N THR A 140 9.20 19.42 -8.51
CA THR A 140 8.41 19.09 -9.68
C THR A 140 8.02 17.63 -9.54
N VAL A 141 6.74 17.32 -9.72
CA VAL A 141 6.29 15.93 -9.73
C VAL A 141 6.02 15.48 -11.16
N LEU A 142 6.68 14.42 -11.59
CA LEU A 142 6.35 13.78 -12.85
C LEU A 142 5.46 12.57 -12.54
N ARG A 143 4.40 12.38 -13.32
CA ARG A 143 3.49 11.26 -13.10
C ARG A 143 3.42 10.37 -14.34
N PRO A 144 4.41 9.48 -14.50
CA PRO A 144 4.42 8.65 -15.70
C PRO A 144 3.29 7.62 -15.73
N THR A 145 2.92 7.27 -16.96
CA THR A 145 1.91 6.26 -17.23
C THR A 145 2.60 4.89 -17.48
N PHE A 146 1.96 4.00 -18.24
CA PHE A 146 2.43 2.62 -18.43
C PHE A 146 3.74 2.64 -19.21
N PHE A 147 4.83 2.10 -18.65
CA PHE A 147 6.11 2.17 -19.38
C PHE A 147 6.07 1.29 -20.62
N MET A 148 6.34 1.88 -21.78
CA MET A 148 6.48 1.07 -23.00
C MET A 148 7.56 0.01 -22.79
N ASP A 149 8.60 0.40 -22.05
CA ASP A 149 9.73 -0.45 -21.73
C ASP A 149 9.37 -1.77 -21.08
N ASN A 150 8.21 -1.85 -20.44
CA ASN A 150 7.73 -3.09 -19.84
C ASN A 150 7.67 -4.22 -20.85
N PHE A 151 7.39 -3.88 -22.12
CA PHE A 151 7.22 -4.90 -23.14
C PHE A 151 8.52 -5.58 -23.58
N ALA A 152 9.67 -5.09 -23.15
CA ALA A 152 10.93 -5.77 -23.45
C ALA A 152 10.98 -7.15 -22.76
N ALA A 153 10.60 -7.20 -21.49
CA ALA A 153 10.60 -8.46 -20.74
C ALA A 153 9.25 -9.16 -20.76
N TRP A 154 8.19 -8.40 -20.99
CA TRP A 154 6.83 -8.93 -20.91
C TRP A 154 6.08 -8.78 -22.23
N GLY A 155 6.77 -9.05 -23.33
CA GLY A 155 6.19 -8.94 -24.65
C GLY A 155 5.37 -10.14 -25.06
N PRO A 156 4.69 -10.04 -26.21
CA PRO A 156 3.82 -11.12 -26.68
C PRO A 156 4.61 -12.34 -27.14
N GLN A 157 4.00 -13.50 -27.02
CA GLN A 157 4.61 -14.73 -27.53
C GLN A 157 3.84 -15.22 -28.73
N ALA A 158 4.49 -15.98 -29.60
CA ALA A 158 3.82 -16.56 -30.75
C ALA A 158 3.07 -17.83 -30.33
N VAL A 159 1.77 -17.87 -30.63
CA VAL A 159 0.96 -19.06 -30.40
C VAL A 159 0.30 -19.45 -31.72
N ASP A 160 0.71 -20.59 -32.26
CA ASP A 160 0.19 -21.09 -33.54
C ASP A 160 0.29 -20.04 -34.64
N GLY A 161 1.43 -19.35 -34.70
CA GLY A 161 1.68 -18.40 -35.77
C GLY A 161 1.08 -17.01 -35.56
N THR A 162 0.51 -16.77 -34.39
CA THR A 162 -0.08 -15.47 -34.07
C THR A 162 0.57 -14.91 -32.80
N LEU A 163 1.03 -13.67 -32.85
CA LEU A 163 1.52 -13.01 -31.64
C LEU A 163 0.34 -12.71 -30.73
N VAL A 164 0.45 -13.06 -29.46
CA VAL A 164 -0.64 -12.85 -28.53
C VAL A 164 -0.22 -11.93 -27.38
N VAL A 165 -0.88 -10.78 -27.29
CA VAL A 165 -0.74 -9.92 -26.12
C VAL A 165 -1.84 -10.34 -25.16
N ARG A 166 -1.46 -10.84 -23.99
CA ARG A 166 -2.40 -11.36 -23.01
C ARG A 166 -2.19 -10.61 -21.71
N LEU A 167 -3.15 -9.76 -21.35
CA LEU A 167 -3.05 -8.89 -20.18
C LEU A 167 -4.41 -8.75 -19.53
N PRO A 168 -4.46 -8.37 -18.25
CA PRO A 168 -5.74 -8.18 -17.55
C PRO A 168 -6.38 -6.83 -17.91
N LEU A 169 -6.79 -6.71 -19.16
CA LEU A 169 -7.48 -5.54 -19.69
C LEU A 169 -8.71 -6.04 -20.45
N LYS A 170 -9.80 -5.29 -20.42
CA LYS A 170 -10.88 -5.57 -21.37
C LYS A 170 -10.39 -5.19 -22.76
N PRO A 171 -10.93 -5.85 -23.80
CA PRO A 171 -10.51 -5.45 -25.16
C PRO A 171 -10.73 -3.97 -25.44
N GLN A 172 -11.69 -3.36 -24.74
CA GLN A 172 -12.05 -1.96 -24.94
CA GLN A 172 -12.01 -1.95 -24.99
C GLN A 172 -11.23 -0.97 -24.10
N THR A 173 -10.49 -1.49 -23.11
CA THR A 173 -9.74 -0.62 -22.20
C THR A 173 -8.63 0.14 -22.93
N ARG A 174 -8.66 1.47 -22.85
CA ARG A 174 -7.60 2.30 -23.42
C ARG A 174 -6.53 2.57 -22.37
N VAL A 175 -5.28 2.30 -22.71
CA VAL A 175 -4.16 2.49 -21.79
CA VAL A 175 -4.16 2.51 -21.78
C VAL A 175 -3.18 3.54 -22.32
N GLN A 176 -2.82 4.51 -21.49
CA GLN A 176 -1.77 5.47 -21.87
C GLN A 176 -0.40 4.92 -21.51
N LEU A 177 0.56 5.13 -22.42
CA LEU A 177 1.91 4.62 -22.27
C LEU A 177 2.95 5.72 -22.46
N ILE A 178 4.12 5.52 -21.85
CA ILE A 178 5.23 6.46 -21.94
C ILE A 178 6.53 5.70 -22.13
N ALA A 179 7.40 6.20 -23.02
CA ALA A 179 8.76 5.66 -23.12
C ALA A 179 9.59 6.25 -21.99
N ALA A 180 10.33 5.40 -21.27
CA ALA A 180 11.12 5.89 -20.14
C ALA A 180 12.10 6.97 -20.56
N GLU A 181 12.58 6.89 -21.79
CA GLU A 181 13.50 7.90 -22.30
C GLU A 181 12.88 9.29 -22.17
N ASP A 182 11.57 9.38 -22.40
CA ASP A 182 10.87 10.65 -22.32
C ASP A 182 10.67 11.15 -20.88
N ILE A 183 10.61 10.22 -19.94
N ILE A 183 10.59 10.23 -19.93
CA ILE A 183 10.59 10.61 -18.53
CA ILE A 183 10.57 10.63 -18.52
C ILE A 183 11.87 11.36 -18.21
C ILE A 183 11.87 11.37 -18.21
N GLY A 184 13.00 10.82 -18.68
CA GLY A 184 14.27 11.47 -18.48
C GLY A 184 14.32 12.84 -19.12
N VAL A 185 13.80 12.95 -20.34
CA VAL A 185 13.74 14.24 -21.01
C VAL A 185 12.98 15.27 -20.18
N PHE A 186 11.80 14.90 -19.69
CA PHE A 186 11.03 15.86 -18.87
C PHE A 186 11.71 16.19 -17.56
N ALA A 187 12.38 15.22 -16.94
CA ALA A 187 13.11 15.51 -15.70
C ALA A 187 14.21 16.54 -15.94
N ALA A 188 15.01 16.32 -16.98
CA ALA A 188 16.09 17.26 -17.30
C ALA A 188 15.54 18.63 -17.70
N THR A 189 14.45 18.62 -18.45
CA THR A 189 13.79 19.86 -18.85
C THR A 189 13.32 20.65 -17.63
N ALA A 190 12.76 19.96 -16.65
CA ALA A 190 12.28 20.61 -15.43
C ALA A 190 13.42 21.31 -14.67
N PHE A 191 14.57 20.65 -14.53
CA PHE A 191 15.69 21.27 -13.83
C PHE A 191 16.17 22.54 -14.54
N ASP A 192 16.08 22.56 -15.87
CA ASP A 192 16.56 23.71 -16.64
C ASP A 192 15.53 24.81 -16.86
N ASP A 193 14.27 24.53 -16.51
CA ASP A 193 13.23 25.56 -16.55
C ASP A 193 12.41 25.54 -15.26
N PRO A 194 13.04 25.94 -14.14
CA PRO A 194 12.33 25.89 -12.86
C PRO A 194 11.16 26.86 -12.79
N ASP A 195 11.20 27.98 -13.50
CA ASP A 195 10.07 28.91 -13.45
CA ASP A 195 10.08 28.93 -13.48
C ASP A 195 8.78 28.22 -13.88
N THR A 196 8.87 27.40 -14.92
CA THR A 196 7.72 26.64 -15.40
C THR A 196 7.42 25.44 -14.51
N TYR A 197 8.46 24.73 -14.07
CA TYR A 197 8.26 23.40 -13.49
C TYR A 197 8.25 23.30 -11.97
N VAL A 198 8.89 24.23 -11.26
CA VAL A 198 8.84 24.18 -9.80
C VAL A 198 7.40 24.40 -9.33
N GLY A 199 6.87 23.45 -8.56
CA GLY A 199 5.51 23.51 -8.05
C GLY A 199 4.52 22.77 -8.92
N ALA A 200 5.00 22.29 -10.07
CA ALA A 200 4.12 21.64 -11.05
C ALA A 200 4.05 20.13 -10.86
N ALA A 201 2.95 19.53 -11.31
CA ALA A 201 2.82 18.09 -11.46
C ALA A 201 2.38 17.85 -12.90
N LEU A 202 2.98 16.86 -13.56
CA LEU A 202 2.69 16.63 -14.97
C LEU A 202 2.57 15.14 -15.25
N GLU A 203 1.38 14.72 -15.69
CA GLU A 203 1.14 13.34 -16.10
C GLU A 203 1.73 13.11 -17.50
N LEU A 204 2.48 12.03 -17.66
CA LEU A 204 3.28 11.82 -18.88
C LEU A 204 2.85 10.59 -19.69
N ALA A 205 2.48 10.82 -20.95
CA ALA A 205 2.21 9.76 -21.91
C ALA A 205 2.57 10.20 -23.31
N GLY A 206 3.02 9.25 -24.13
CA GLY A 206 3.29 9.52 -25.53
C GLY A 206 2.37 8.77 -26.48
N ASP A 207 1.52 7.90 -25.95
CA ASP A 207 0.60 7.13 -26.78
C ASP A 207 -0.56 6.66 -25.92
N GLU A 208 -1.63 6.24 -26.57
CA GLU A 208 -2.80 5.70 -25.91
CA GLU A 208 -2.80 5.68 -25.90
C GLU A 208 -3.41 4.63 -26.82
N LEU A 209 -3.44 3.39 -26.34
CA LEU A 209 -3.82 2.25 -27.16
C LEU A 209 -4.63 1.25 -26.37
N THR A 210 -5.53 0.55 -27.04
CA THR A 210 -6.16 -0.63 -26.47
C THR A 210 -5.25 -1.85 -26.63
N GLY A 211 -5.60 -2.92 -25.95
CA GLY A 211 -4.94 -4.20 -26.11
C GLY A 211 -4.87 -4.68 -27.56
N PRO A 212 -6.02 -4.69 -28.25
CA PRO A 212 -5.98 -5.05 -29.67
C PRO A 212 -5.04 -4.15 -30.49
N GLU A 213 -5.00 -2.86 -30.18
CA GLU A 213 -4.10 -1.95 -30.88
C GLU A 213 -2.62 -2.21 -30.57
N LEU A 214 -2.32 -2.52 -29.31
CA LEU A 214 -0.97 -2.90 -28.93
C LEU A 214 -0.54 -4.14 -29.72
N ALA A 215 -1.41 -5.14 -29.78
CA ALA A 215 -1.14 -6.34 -30.56
C ALA A 215 -0.88 -5.98 -32.01
N ALA A 216 -1.72 -5.12 -32.58
CA ALA A 216 -1.56 -4.68 -33.97
C ALA A 216 -0.20 -4.04 -34.23
N ARG A 217 0.29 -3.25 -33.26
CA ARG A 217 1.61 -2.60 -33.41
C ARG A 217 2.72 -3.63 -33.50
N PHE A 218 2.68 -4.66 -32.64
CA PHE A 218 3.65 -5.74 -32.71
C PHE A 218 3.54 -6.47 -34.05
N GLY A 219 2.32 -6.78 -34.46
CA GLY A 219 2.08 -7.45 -35.73
C GLY A 219 2.59 -6.68 -36.92
N GLU A 220 2.38 -5.37 -36.91
CA GLU A 220 2.83 -4.50 -38.00
C GLU A 220 4.34 -4.55 -38.14
N LEU A 221 5.06 -4.43 -37.03
CA LEU A 221 6.53 -4.44 -37.05
C LEU A 221 7.09 -5.79 -37.47
N ALA A 222 6.50 -6.86 -36.94
CA ALA A 222 7.00 -8.21 -37.17
C ALA A 222 6.51 -8.79 -38.51
N GLY A 223 5.48 -8.17 -39.08
CA GLY A 223 4.88 -8.66 -40.30
C GLY A 223 4.23 -10.01 -40.12
N MET A 224 3.50 -10.17 -39.02
CA MET A 224 2.79 -11.41 -38.77
C MET A 224 1.48 -11.14 -38.05
N PRO A 225 0.56 -12.14 -38.05
CA PRO A 225 -0.72 -11.92 -37.38
C PRO A 225 -0.55 -11.69 -35.88
N ALA A 226 -1.47 -10.93 -35.29
CA ALA A 226 -1.40 -10.62 -33.87
C ALA A 226 -2.80 -10.44 -33.31
N ARG A 227 -2.97 -10.78 -32.03
CA ARG A 227 -4.25 -10.58 -31.37
C ARG A 227 -4.09 -10.31 -29.88
N PHE A 228 -5.11 -9.67 -29.31
CA PHE A 228 -5.17 -9.44 -27.88
C PHE A 228 -6.13 -10.43 -27.22
N GLU A 229 -5.76 -10.88 -26.02
CA GLU A 229 -6.61 -11.78 -25.23
C GLU A 229 -6.66 -11.31 -23.79
N GLU A 230 -7.86 -11.09 -23.26
CA GLU A 230 -8.03 -10.67 -21.87
C GLU A 230 -7.70 -11.80 -20.91
N ARG A 231 -6.89 -11.49 -19.90
CA ARG A 231 -6.64 -12.39 -18.78
C ARG A 231 -7.49 -11.96 -17.60
N SER A 232 -8.06 -12.93 -16.88
CA SER A 232 -8.87 -12.56 -15.72
C SER A 232 -8.02 -11.93 -14.63
N LEU A 233 -8.62 -11.02 -13.86
CA LEU A 233 -7.92 -10.37 -12.76
C LEU A 233 -7.51 -11.35 -11.66
N ASP A 234 -8.39 -12.30 -11.31
CA ASP A 234 -8.04 -13.31 -10.33
C ASP A 234 -6.82 -14.13 -10.77
N GLU A 235 -6.78 -14.51 -12.04
CA GLU A 235 -5.66 -15.32 -12.53
C GLU A 235 -4.37 -14.52 -12.49
N ALA A 236 -4.43 -13.27 -12.92
CA ALA A 236 -3.26 -12.40 -12.88
C ALA A 236 -2.76 -12.21 -11.45
N ALA A 237 -3.69 -12.02 -10.51
CA ALA A 237 -3.32 -11.78 -9.11
C ALA A 237 -2.58 -12.97 -8.50
N ALA A 238 -2.91 -14.17 -8.96
CA ALA A 238 -2.35 -15.39 -8.38
C ALA A 238 -1.06 -15.85 -9.07
N ASP A 239 -0.65 -15.15 -10.12
CA ASP A 239 0.46 -15.60 -10.95
C ASP A 239 1.79 -15.65 -10.18
N PRO A 240 2.32 -16.87 -9.96
CA PRO A 240 3.57 -16.98 -9.20
C PRO A 240 4.80 -16.41 -9.92
N TRP A 241 4.68 -16.12 -11.20
CA TRP A 241 5.82 -15.58 -11.94
C TRP A 241 5.78 -14.07 -12.05
N ILE A 242 4.78 -13.44 -11.44
CA ILE A 242 4.68 -11.99 -11.41
C ILE A 242 4.90 -11.50 -9.98
N PRO A 243 6.03 -10.84 -9.72
CA PRO A 243 6.26 -10.27 -8.39
C PRO A 243 5.17 -9.26 -8.03
N TYR A 244 4.71 -9.29 -6.77
CA TYR A 244 3.68 -8.38 -6.32
C TYR A 244 2.43 -8.44 -7.21
N SER A 245 2.09 -9.66 -7.62
CA SER A 245 1.02 -9.89 -8.56
C SER A 245 -0.33 -9.34 -8.09
N HIS A 246 -0.59 -9.38 -6.80
CA HIS A 246 -1.86 -8.88 -6.28
C HIS A 246 -1.97 -7.36 -6.45
N GLU A 247 -0.91 -6.63 -6.10
CA GLU A 247 -0.92 -5.19 -6.29
C GLU A 247 -1.05 -4.83 -7.77
N ILE A 248 -0.33 -5.57 -8.61
CA ILE A 248 -0.39 -5.36 -10.05
C ILE A 248 -1.79 -5.62 -10.59
N ALA A 249 -2.47 -6.64 -10.07
CA ALA A 249 -3.85 -6.89 -10.46
C ALA A 249 -4.80 -5.77 -10.03
N VAL A 250 -4.60 -5.19 -8.85
CA VAL A 250 -5.39 -4.04 -8.43
C VAL A 250 -5.17 -2.90 -9.42
N MET A 251 -3.92 -2.70 -9.81
CA MET A 251 -3.57 -1.64 -10.77
C MET A 251 -4.27 -1.87 -12.12
N PHE A 252 -4.21 -3.09 -12.64
CA PHE A 252 -4.88 -3.39 -13.91
C PHE A 252 -6.39 -3.20 -13.81
N GLU A 253 -6.98 -3.53 -12.67
CA GLU A 253 -8.40 -3.28 -12.49
C GLU A 253 -8.69 -1.78 -12.56
N TRP A 254 -7.81 -0.97 -11.97
CA TRP A 254 -7.94 0.49 -12.06
C TRP A 254 -7.77 1.00 -13.50
N PHE A 255 -6.91 0.37 -14.30
CA PHE A 255 -6.84 0.72 -15.72
C PHE A 255 -8.23 0.52 -16.34
N GLN A 256 -8.91 -0.56 -15.96
CA GLN A 256 -10.21 -0.90 -16.53
C GLN A 256 -11.31 0.06 -16.11
N THR A 257 -11.30 0.47 -14.84
CA THR A 257 -12.37 1.29 -14.30
C THR A 257 -12.13 2.79 -14.46
N ASP A 258 -10.86 3.18 -14.53
CA ASP A 258 -10.49 4.58 -14.45
C ASP A 258 -9.41 4.94 -15.48
N GLY A 259 -8.14 4.81 -15.12
CA GLY A 259 -7.07 4.95 -16.08
C GLY A 259 -6.37 6.29 -16.08
N TYR A 260 -5.33 6.36 -16.88
CA TYR A 260 -4.48 7.54 -16.95
C TYR A 260 -5.13 8.68 -17.74
N ALA A 261 -4.64 9.89 -17.53
CA ALA A 261 -5.29 11.08 -18.10
C ALA A 261 -4.29 12.17 -18.53
N ALA A 262 -3.12 11.77 -19.02
CA ALA A 262 -2.20 12.75 -19.59
C ALA A 262 -2.80 13.43 -20.82
N ASP A 263 -2.38 14.67 -21.07
CA ASP A 263 -2.74 15.39 -22.30
C ASP A 263 -1.60 15.19 -23.30
N ILE A 264 -1.73 14.17 -24.14
CA ILE A 264 -0.64 13.77 -25.03
C ILE A 264 -0.27 14.86 -26.04
N ALA A 265 -1.28 15.48 -26.66
CA ALA A 265 -1.03 16.54 -27.64
C ALA A 265 -0.25 17.70 -27.02
N ALA A 266 -0.59 18.07 -25.80
CA ALA A 266 0.08 19.17 -25.11
C ALA A 266 1.54 18.81 -24.81
N LEU A 267 1.76 17.56 -24.39
CA LEU A 267 3.11 17.09 -24.14
C LEU A 267 3.97 17.06 -25.40
N ARG A 268 3.37 16.64 -26.52
CA ARG A 268 4.11 16.59 -27.79
C ARG A 268 4.45 17.99 -28.29
N ALA A 269 3.62 18.97 -27.96
CA ALA A 269 3.93 20.36 -28.29
C ALA A 269 5.16 20.84 -27.52
N ARG A 270 5.28 20.42 -26.26
CA ARG A 270 6.45 20.76 -25.45
CA ARG A 270 6.44 20.77 -25.44
C ARG A 270 7.68 19.99 -25.89
N HIS A 271 7.45 18.73 -26.26
CA HIS A 271 8.53 17.80 -26.56
C HIS A 271 8.20 17.06 -27.86
N PRO A 272 8.59 17.65 -29.00
CA PRO A 272 8.23 17.10 -30.31
C PRO A 272 8.72 15.68 -30.53
N GLY A 273 9.80 15.29 -29.85
CA GLY A 273 10.35 13.95 -30.00
C GLY A 273 9.66 12.89 -29.14
N LEU A 274 8.61 13.28 -28.43
CA LEU A 274 7.84 12.35 -27.58
C LEU A 274 7.49 11.09 -28.37
N ARG A 275 7.86 9.94 -27.83
CA ARG A 275 7.77 8.69 -28.57
C ARG A 275 6.38 8.06 -28.54
N THR A 276 5.93 7.62 -29.72
CA THR A 276 4.77 6.74 -29.80
C THR A 276 5.21 5.32 -29.49
N PHE A 277 4.25 4.40 -29.34
CA PHE A 277 4.61 3.00 -29.14
C PHE A 277 5.33 2.42 -30.35
N ALA A 278 4.87 2.80 -31.55
CA ALA A 278 5.54 2.38 -32.78
C ALA A 278 6.98 2.88 -32.80
N ASP A 279 7.21 4.10 -32.30
CA ASP A 279 8.57 4.63 -32.19
C ASP A 279 9.42 3.79 -31.27
N TRP A 280 8.87 3.44 -30.11
CA TRP A 280 9.61 2.66 -29.12
C TRP A 280 9.99 1.28 -29.68
N LEU A 281 9.05 0.63 -30.34
CA LEU A 281 9.29 -0.67 -30.95
C LEU A 281 10.46 -0.60 -31.95
N ARG A 282 10.46 0.44 -32.77
CA ARG A 282 11.53 0.62 -33.75
C ARG A 282 12.86 0.92 -33.07
N ALA A 283 12.83 1.74 -32.03
CA ALA A 283 14.07 2.17 -31.38
C ALA A 283 14.80 1.02 -30.70
N ILE A 284 14.06 0.13 -30.05
CA ILE A 284 14.67 -1.01 -29.35
CA ILE A 284 14.65 -1.00 -29.34
C ILE A 284 14.89 -2.19 -30.29
N GLY A 285 14.35 -2.09 -31.51
CA GLY A 285 14.51 -3.15 -32.48
C GLY A 285 13.82 -4.42 -32.04
N TRP A 286 12.55 -4.30 -31.65
CA TRP A 286 11.79 -5.44 -31.14
C TRP A 286 11.68 -6.55 -32.17
N ARG A 287 11.93 -7.78 -31.73
CA ARG A 287 11.84 -8.94 -32.60
C ARG A 287 11.04 -10.05 -31.93
N VAL A 288 10.36 -10.85 -32.74
CA VAL A 288 9.63 -12.01 -32.25
C VAL A 288 10.59 -12.88 -31.45
N PRO A 289 10.15 -13.36 -30.27
CA PRO A 289 11.03 -14.21 -29.46
C PRO A 289 11.29 -15.57 -30.11
N ASN B 1 -33.65 -16.48 7.84
CA ASN B 1 -32.40 -16.98 8.40
C ASN B 1 -31.60 -15.89 9.10
N ARG B 2 -31.27 -16.13 10.37
CA ARG B 2 -30.59 -15.13 11.20
C ARG B 2 -29.07 -15.29 11.21
N THR B 3 -28.57 -16.29 10.50
CA THR B 3 -27.16 -16.66 10.55
C THR B 3 -26.25 -15.53 10.11
N ILE B 4 -25.15 -15.37 10.83
CA ILE B 4 -24.06 -14.47 10.41
C ILE B 4 -22.85 -15.30 9.98
N LEU B 5 -22.34 -15.02 8.79
CA LEU B 5 -21.08 -15.59 8.36
C LEU B 5 -19.94 -14.74 8.91
N VAL B 6 -19.05 -15.37 9.67
CA VAL B 6 -17.89 -14.69 10.21
C VAL B 6 -16.63 -15.12 9.45
N THR B 7 -16.01 -14.18 8.75
CA THR B 7 -14.70 -14.42 8.17
C THR B 7 -13.64 -14.23 9.24
N GLY B 8 -12.47 -14.86 9.05
CA GLY B 8 -11.39 -14.75 10.01
C GLY B 8 -11.74 -15.30 11.39
N ALA B 9 -12.63 -16.28 11.43
CA ALA B 9 -13.20 -16.78 12.68
C ALA B 9 -12.18 -17.40 13.63
N THR B 10 -11.09 -17.95 13.09
CA THR B 10 -10.06 -18.54 13.93
C THR B 10 -9.04 -17.51 14.40
N GLY B 11 -9.21 -16.27 13.95
CA GLY B 11 -8.31 -15.19 14.32
C GLY B 11 -8.84 -14.31 15.45
N THR B 12 -8.14 -13.21 15.69
CA THR B 12 -8.42 -12.33 16.83
C THR B 12 -9.78 -11.62 16.73
N GLN B 13 -9.99 -10.86 15.67
CA GLN B 13 -11.26 -10.14 15.50
C GLN B 13 -12.44 -11.07 15.26
N GLY B 14 -12.25 -12.04 14.35
CA GLY B 14 -13.30 -12.97 14.04
C GLY B 14 -13.69 -13.81 15.23
N GLY B 15 -12.70 -14.28 15.99
CA GLY B 15 -12.97 -15.07 17.17
C GLY B 15 -13.77 -14.31 18.20
N ALA B 16 -13.41 -13.05 18.42
CA ALA B 16 -14.15 -12.20 19.34
C ALA B 16 -15.60 -12.00 18.87
N THR B 17 -15.76 -11.87 17.56
CA THR B 17 -17.07 -11.67 16.96
C THR B 17 -17.94 -12.92 17.10
N VAL B 18 -17.35 -14.10 16.88
CA VAL B 18 -18.07 -15.36 17.13
C VAL B 18 -18.64 -15.41 18.54
N ARG B 19 -17.78 -15.12 19.54
CA ARG B 19 -18.23 -15.17 20.92
C ARG B 19 -19.36 -14.19 21.21
N ALA B 20 -19.21 -12.96 20.73
CA ALA B 20 -20.25 -11.96 20.97
C ALA B 20 -21.57 -12.31 20.30
N LEU B 21 -21.50 -12.85 19.08
CA LEU B 21 -22.69 -13.24 18.34
C LEU B 21 -23.44 -14.38 19.02
N LEU B 22 -22.71 -15.42 19.43
CA LEU B 22 -23.34 -16.55 20.12
C LEU B 22 -24.00 -16.08 21.41
N ALA B 23 -23.34 -15.21 22.15
CA ALA B 23 -23.90 -14.72 23.41
C ALA B 23 -25.17 -13.90 23.18
N ARG B 24 -25.24 -13.22 22.05
CA ARG B 24 -26.38 -12.38 21.73
C ARG B 24 -27.50 -13.18 21.07
N GLY B 25 -27.24 -14.46 20.81
CA GLY B 25 -28.26 -15.35 20.28
C GLY B 25 -28.35 -15.46 18.77
N ARG B 26 -27.25 -15.17 18.08
CA ARG B 26 -27.19 -15.34 16.62
C ARG B 26 -26.55 -16.68 16.26
N PRO B 27 -27.13 -17.39 15.29
CA PRO B 27 -26.39 -18.53 14.74
C PRO B 27 -25.15 -18.01 14.04
N VAL B 28 -24.05 -18.75 14.12
CA VAL B 28 -22.78 -18.34 13.51
C VAL B 28 -22.25 -19.42 12.58
N ARG B 29 -21.95 -19.00 11.35
CA ARG B 29 -21.29 -19.83 10.36
C ARG B 29 -19.88 -19.27 10.18
N ALA B 30 -18.86 -20.13 10.26
CA ALA B 30 -17.48 -19.65 10.17
C ALA B 30 -16.84 -20.07 8.86
N LEU B 31 -16.23 -19.10 8.18
CA LEU B 31 -15.44 -19.39 7.00
C LEU B 31 -14.07 -19.88 7.43
N VAL B 32 -13.75 -21.13 7.08
CA VAL B 32 -12.44 -21.69 7.39
C VAL B 32 -11.84 -22.32 6.14
N ARG B 33 -10.54 -22.17 5.96
CA ARG B 33 -9.86 -22.80 4.83
C ARG B 33 -9.74 -24.30 5.02
N ASP B 34 -9.59 -24.72 6.28
CA ASP B 34 -9.42 -26.13 6.63
C ASP B 34 -10.24 -26.43 7.88
N PRO B 35 -11.34 -27.17 7.72
CA PRO B 35 -12.25 -27.45 8.84
C PRO B 35 -11.67 -28.48 9.83
N GLY B 36 -10.49 -29.01 9.53
CA GLY B 36 -9.92 -30.06 10.35
C GLY B 36 -8.86 -29.60 11.35
N THR B 37 -8.67 -28.29 11.47
CA THR B 37 -7.71 -27.77 12.43
C THR B 37 -8.28 -27.81 13.85
N ASP B 38 -7.40 -27.71 14.84
CA ASP B 38 -7.83 -27.60 16.23
C ASP B 38 -8.76 -26.41 16.41
N ALA B 39 -8.40 -25.29 15.80
CA ALA B 39 -9.17 -24.06 15.92
C ALA B 39 -10.58 -24.20 15.33
N ALA B 40 -10.67 -24.86 14.19
CA ALA B 40 -11.96 -25.07 13.54
C ALA B 40 -12.84 -26.03 14.34
N ARG B 41 -12.24 -27.11 14.85
CA ARG B 41 -12.99 -28.05 15.68
C ARG B 41 -13.46 -27.39 16.98
N ALA B 42 -12.66 -26.48 17.51
CA ALA B 42 -13.04 -25.73 18.70
C ALA B 42 -14.27 -24.85 18.41
N LEU B 43 -14.30 -24.23 17.25
CA LEU B 43 -15.46 -23.44 16.83
C LEU B 43 -16.71 -24.30 16.76
N ALA B 44 -16.60 -25.46 16.11
CA ALA B 44 -17.72 -26.38 15.99
C ALA B 44 -18.23 -26.81 17.37
N ALA B 45 -17.31 -27.05 18.30
CA ALA B 45 -17.69 -27.46 19.65
C ALA B 45 -18.45 -26.35 20.40
N ALA B 46 -18.23 -25.11 20.00
CA ALA B 46 -18.93 -23.99 20.61
C ALA B 46 -20.31 -23.77 20.02
N GLY B 47 -20.62 -24.51 18.96
CA GLY B 47 -21.92 -24.41 18.31
C GLY B 47 -21.89 -23.68 16.97
N VAL B 48 -20.70 -23.46 16.44
CA VAL B 48 -20.56 -22.79 15.16
C VAL B 48 -20.63 -23.79 14.00
N SER B 49 -21.31 -23.41 12.92
CA SER B 49 -21.32 -24.18 11.69
CA SER B 49 -21.28 -24.23 11.72
C SER B 49 -20.09 -23.84 10.85
N LEU B 50 -19.37 -24.85 10.38
CA LEU B 50 -18.20 -24.59 9.56
C LEU B 50 -18.55 -24.63 8.08
N VAL B 51 -17.95 -23.74 7.30
CA VAL B 51 -18.04 -23.82 5.86
C VAL B 51 -16.64 -23.62 5.29
N THR B 52 -16.27 -24.44 4.32
CA THR B 52 -14.92 -24.40 3.76
C THR B 52 -14.85 -23.39 2.63
N GLY B 53 -13.87 -22.49 2.71
CA GLY B 53 -13.69 -21.50 1.68
C GLY B 53 -12.45 -20.69 1.91
N ASP B 54 -12.17 -19.77 0.99
CA ASP B 54 -10.94 -19.01 1.00
C ASP B 54 -11.24 -17.62 0.44
N LEU B 55 -10.74 -16.59 1.11
CA LEU B 55 -10.97 -15.22 0.67
C LEU B 55 -10.44 -14.91 -0.72
N ASN B 56 -9.51 -15.73 -1.22
CA ASN B 56 -9.00 -15.57 -2.58
C ASN B 56 -9.88 -16.24 -3.62
N ASP B 57 -10.87 -17.01 -3.17
CA ASP B 57 -11.73 -17.81 -4.03
C ASP B 57 -13.15 -17.26 -4.01
N GLN B 58 -13.49 -16.45 -5.00
CA GLN B 58 -14.77 -15.74 -4.99
C GLN B 58 -15.98 -16.68 -4.99
N ALA B 59 -15.90 -17.77 -5.76
CA ALA B 59 -16.98 -18.75 -5.80
C ALA B 59 -17.21 -19.36 -4.42
N SER B 60 -16.12 -19.63 -3.70
CA SER B 60 -16.25 -20.19 -2.36
C SER B 60 -16.90 -19.20 -1.41
N LEU B 61 -16.67 -17.90 -1.62
CA LEU B 61 -17.28 -16.88 -0.78
C LEU B 61 -18.78 -16.79 -1.00
N ARG B 62 -19.21 -16.84 -2.26
CA ARG B 62 -20.63 -16.83 -2.57
C ARG B 62 -21.32 -18.04 -1.93
N ALA B 63 -20.69 -19.20 -2.04
CA ALA B 63 -21.22 -20.41 -1.42
C ALA B 63 -21.35 -20.25 0.10
N ALA B 64 -20.32 -19.66 0.71
CA ALA B 64 -20.31 -19.48 2.17
C ALA B 64 -21.44 -18.57 2.65
N MET B 65 -21.89 -17.68 1.77
CA MET B 65 -22.90 -16.70 2.13
C MET B 65 -24.33 -17.14 1.85
N ALA B 66 -24.50 -18.35 1.34
CA ALA B 66 -25.84 -18.85 1.03
C ALA B 66 -26.79 -18.70 2.22
N ASP B 67 -27.88 -17.95 2.00
CA ASP B 67 -28.96 -17.79 2.97
C ASP B 67 -28.62 -17.01 4.24
N VAL B 68 -27.40 -16.52 4.39
CA VAL B 68 -27.07 -15.80 5.62
C VAL B 68 -27.68 -14.39 5.66
N HIS B 69 -27.98 -13.92 6.86
CA HIS B 69 -28.44 -12.55 7.06
C HIS B 69 -27.30 -11.55 6.89
N GLY B 70 -26.18 -11.85 7.54
CA GLY B 70 -25.09 -10.90 7.59
C GLY B 70 -23.73 -11.52 7.45
N VAL B 71 -22.73 -10.67 7.21
CA VAL B 71 -21.34 -11.10 7.11
C VAL B 71 -20.45 -10.17 7.92
N PHE B 72 -19.58 -10.75 8.74
CA PHE B 72 -18.49 -9.99 9.36
C PHE B 72 -17.25 -10.18 8.49
N SER B 73 -16.75 -9.06 7.97
CA SER B 73 -15.66 -9.05 7.00
C SER B 73 -14.38 -8.50 7.62
N VAL B 74 -13.34 -9.33 7.63
CA VAL B 74 -12.03 -8.94 8.12
C VAL B 74 -10.98 -9.64 7.26
N GLN B 75 -9.89 -8.93 6.99
CA GLN B 75 -8.77 -9.49 6.24
C GLN B 75 -7.45 -9.17 6.92
N THR B 76 -6.44 -9.97 6.61
CA THR B 76 -5.07 -9.68 7.03
CA THR B 76 -5.06 -9.71 7.02
C THR B 76 -4.21 -9.34 5.82
N PHE B 77 -3.18 -8.53 6.05
CA PHE B 77 -2.23 -8.23 4.98
C PHE B 77 -0.90 -8.95 5.21
N MET B 78 -0.76 -9.60 6.35
CA MET B 78 0.51 -10.25 6.68
C MET B 78 0.53 -11.70 6.21
N THR B 79 0.54 -11.84 4.89
CA THR B 79 0.59 -13.12 4.20
C THR B 79 1.47 -12.90 2.98
N PRO B 80 1.83 -13.98 2.24
CA PRO B 80 2.61 -13.78 1.01
C PRO B 80 1.93 -12.89 -0.04
N GLY B 81 0.60 -12.82 -0.05
CA GLY B 81 -0.10 -11.94 -0.96
C GLY B 81 -0.10 -10.47 -0.55
N GLY B 82 0.21 -10.22 0.72
CA GLY B 82 0.39 -8.87 1.21
C GLY B 82 -0.78 -7.92 1.11
N LEU B 83 -0.45 -6.65 0.92
CA LEU B 83 -1.48 -5.61 0.92
CA LEU B 83 -1.41 -5.55 0.87
C LEU B 83 -2.39 -5.71 -0.29
N GLY B 84 -1.86 -6.05 -1.45
CA GLY B 84 -2.70 -6.23 -2.63
C GLY B 84 -3.72 -7.33 -2.41
N ALA B 85 -3.32 -8.44 -1.79
CA ALA B 85 -4.26 -9.52 -1.51
C ALA B 85 -5.33 -9.07 -0.51
N GLU B 86 -4.93 -8.35 0.54
CA GLU B 86 -5.88 -7.85 1.52
C GLU B 86 -6.98 -7.04 0.83
N LEU B 87 -6.56 -6.13 -0.03
CA LEU B 87 -7.46 -5.27 -0.77
CA LEU B 87 -7.48 -5.26 -0.75
C LEU B 87 -8.43 -6.06 -1.64
N ARG B 88 -7.88 -6.96 -2.46
CA ARG B 88 -8.74 -7.75 -3.36
C ARG B 88 -9.72 -8.61 -2.56
N GLN B 89 -9.26 -9.20 -1.46
CA GLN B 89 -10.11 -10.01 -0.60
C GLN B 89 -11.26 -9.21 -0.01
N GLY B 90 -10.97 -8.00 0.48
CA GLY B 90 -12.01 -7.16 1.05
C GLY B 90 -13.08 -6.80 0.03
N ARG B 91 -12.63 -6.50 -1.20
CA ARG B 91 -13.59 -6.20 -2.26
C ARG B 91 -14.34 -7.45 -2.71
N ALA B 92 -13.69 -8.61 -2.68
CA ALA B 92 -14.35 -9.88 -3.01
C ALA B 92 -15.47 -10.22 -2.03
N VAL B 93 -15.24 -9.98 -0.75
CA VAL B 93 -16.28 -10.21 0.24
C VAL B 93 -17.49 -9.32 -0.05
N ALA B 94 -17.22 -8.05 -0.36
CA ALA B 94 -18.29 -7.11 -0.69
C ALA B 94 -19.07 -7.58 -1.91
N ASP B 95 -18.34 -7.98 -2.96
CA ASP B 95 -18.96 -8.41 -4.20
C ASP B 95 -19.82 -9.67 -3.99
N ALA B 96 -19.32 -10.60 -3.19
CA ALA B 96 -20.02 -11.84 -2.95
C ALA B 96 -21.30 -11.56 -2.14
N ALA B 97 -21.22 -10.62 -1.19
CA ALA B 97 -22.39 -10.22 -0.42
C ALA B 97 -23.46 -9.62 -1.33
N ALA B 98 -23.03 -8.79 -2.28
CA ALA B 98 -23.97 -8.17 -3.22
C ALA B 98 -24.63 -9.24 -4.11
N ALA B 99 -23.86 -10.24 -4.50
CA ALA B 99 -24.35 -11.26 -5.42
C ALA B 99 -25.26 -12.30 -4.76
N THR B 100 -25.23 -12.39 -3.43
CA THR B 100 -25.98 -13.43 -2.72
C THR B 100 -27.11 -12.90 -1.84
N GLY B 101 -27.38 -11.61 -1.92
CA GLY B 101 -28.48 -11.00 -1.18
C GLY B 101 -28.26 -10.87 0.32
N VAL B 102 -27.02 -10.78 0.75
CA VAL B 102 -26.70 -10.51 2.15
C VAL B 102 -27.32 -9.17 2.55
N ARG B 103 -27.97 -9.14 3.71
CA ARG B 103 -28.69 -7.96 4.15
C ARG B 103 -27.86 -6.94 4.93
N HIS B 104 -26.72 -7.37 5.49
CA HIS B 104 -25.93 -6.47 6.33
C HIS B 104 -24.48 -6.96 6.39
N VAL B 105 -23.54 -6.11 5.98
CA VAL B 105 -22.12 -6.41 6.16
C VAL B 105 -21.58 -5.51 7.26
N VAL B 106 -20.90 -6.11 8.23
CA VAL B 106 -20.09 -5.37 9.18
C VAL B 106 -18.63 -5.59 8.76
N TYR B 107 -17.98 -4.51 8.30
CA TYR B 107 -16.59 -4.57 7.84
C TYR B 107 -15.70 -3.91 8.88
N SER B 108 -14.63 -4.59 9.26
CA SER B 108 -13.66 -4.02 10.16
C SER B 108 -12.51 -3.42 9.39
N SER B 109 -12.37 -2.10 9.56
CA SER B 109 -11.37 -1.29 8.90
C SER B 109 -10.30 -0.94 9.95
N VAL B 110 -9.97 0.34 10.09
CA VAL B 110 -8.98 0.77 11.08
C VAL B 110 -9.20 2.25 11.38
N GLY B 111 -8.99 2.65 12.63
CA GLY B 111 -9.10 4.06 12.98
C GLY B 111 -8.22 4.90 12.07
N GLY B 112 -8.76 6.02 11.59
CA GLY B 112 -8.02 6.92 10.73
C GLY B 112 -7.97 6.54 9.27
N ALA B 113 -8.61 5.43 8.88
CA ALA B 113 -8.65 5.04 7.47
C ALA B 113 -9.21 6.17 6.61
N ASP B 114 -10.15 6.92 7.17
CA ASP B 114 -10.83 8.00 6.48
C ASP B 114 -10.04 9.32 6.50
N ARG B 115 -8.90 9.33 7.17
CA ARG B 115 -8.15 10.57 7.39
C ARG B 115 -6.87 10.71 6.55
N ALA B 116 -6.84 10.05 5.39
CA ALA B 116 -5.71 10.17 4.47
C ALA B 116 -4.38 9.97 5.19
N SER B 117 -4.29 8.88 5.95
CA SER B 117 -3.10 8.60 6.76
C SER B 117 -1.85 8.31 5.93
N GLY B 118 -2.04 7.74 4.75
CA GLY B 118 -0.92 7.28 3.95
C GLY B 118 -0.31 5.98 4.44
N VAL B 119 -0.81 5.44 5.55
CA VAL B 119 -0.30 4.17 6.03
C VAL B 119 -0.78 3.10 5.05
N PRO B 120 0.14 2.31 4.44
CA PRO B 120 -0.33 1.46 3.34
C PRO B 120 -1.46 0.49 3.72
N HIS B 121 -1.37 -0.12 4.90
CA HIS B 121 -2.42 -1.04 5.34
C HIS B 121 -3.63 -0.35 5.98
N PHE B 122 -3.63 0.97 6.02
CA PHE B 122 -4.83 1.76 6.34
C PHE B 122 -5.51 2.14 5.03
N GLU B 123 -4.72 2.49 4.01
CA GLU B 123 -5.27 2.86 2.70
C GLU B 123 -5.97 1.69 2.00
N THR B 124 -5.47 0.47 2.17
CA THR B 124 -6.16 -0.70 1.66
CA THR B 124 -6.16 -0.71 1.65
C THR B 124 -7.59 -0.77 2.21
N LYS B 125 -7.71 -0.58 3.52
CA LYS B 125 -9.00 -0.64 4.19
C LYS B 125 -9.94 0.48 3.74
N TRP B 126 -9.39 1.68 3.55
CA TRP B 126 -10.19 2.79 3.03
C TRP B 126 -10.74 2.46 1.65
N THR B 127 -9.90 1.85 0.82
CA THR B 127 -10.30 1.46 -0.52
C THR B 127 -11.41 0.39 -0.48
N ILE B 128 -11.31 -0.55 0.46
CA ILE B 128 -12.39 -1.51 0.68
C ILE B 128 -13.68 -0.82 1.13
N GLU B 129 -13.59 0.11 2.08
CA GLU B 129 -14.75 0.88 2.52
C GLU B 129 -15.44 1.55 1.33
N ARG B 130 -14.66 2.16 0.46
CA ARG B 130 -15.23 2.89 -0.67
C ARG B 130 -15.97 1.93 -1.60
N HIS B 131 -15.41 0.73 -1.78
CA HIS B 131 -16.07 -0.27 -2.63
C HIS B 131 -17.42 -0.71 -2.05
N LEU B 132 -17.46 -1.01 -0.76
CA LEU B 132 -18.71 -1.36 -0.09
C LEU B 132 -19.75 -0.25 -0.28
N ARG B 133 -19.33 0.99 -0.10
CA ARG B 133 -20.21 2.14 -0.24
C ARG B 133 -20.79 2.20 -1.66
N SER B 134 -19.95 1.88 -2.65
CA SER B 134 -20.34 1.95 -4.05
C SER B 134 -21.39 0.89 -4.41
N LEU B 135 -21.37 -0.23 -3.71
CA LEU B 135 -22.27 -1.34 -4.04
C LEU B 135 -23.67 -1.16 -3.46
N GLY B 136 -23.77 -0.31 -2.45
CA GLY B 136 -25.07 -0.08 -1.83
C GLY B 136 -25.53 -1.19 -0.90
N VAL B 137 -24.68 -2.16 -0.63
CA VAL B 137 -25.03 -3.19 0.34
CA VAL B 137 -24.99 -3.20 0.35
C VAL B 137 -25.04 -2.56 1.74
N PRO B 138 -26.13 -2.79 2.51
CA PRO B 138 -26.18 -2.17 3.85
C PRO B 138 -24.94 -2.52 4.68
N THR B 139 -24.23 -1.51 5.16
CA THR B 139 -22.91 -1.70 5.74
C THR B 139 -22.71 -0.91 7.03
N THR B 140 -22.07 -1.54 8.01
CA THR B 140 -21.51 -0.84 9.16
C THR B 140 -20.01 -1.00 9.10
N VAL B 141 -19.26 0.09 9.28
CA VAL B 141 -17.81 0.02 9.35
C VAL B 141 -17.36 0.25 10.78
N LEU B 142 -16.60 -0.70 11.31
CA LEU B 142 -15.91 -0.51 12.60
C LEU B 142 -14.47 -0.14 12.30
N ARG B 143 -13.94 0.85 13.02
CA ARG B 143 -12.56 1.28 12.80
C ARG B 143 -11.77 1.14 14.09
N PRO B 144 -11.28 -0.08 14.37
CA PRO B 144 -10.57 -0.30 15.62
C PRO B 144 -9.21 0.40 15.68
N THR B 145 -8.82 0.72 16.90
CA THR B 145 -7.53 1.33 17.19
C THR B 145 -6.51 0.22 17.57
N PHE B 146 -5.50 0.57 18.35
CA PHE B 146 -4.37 -0.35 18.65
C PHE B 146 -4.89 -1.51 19.51
N PHE B 147 -4.74 -2.76 19.06
CA PHE B 147 -5.27 -3.88 19.83
C PHE B 147 -4.48 -4.06 21.12
N MET B 148 -5.16 -4.05 22.26
CA MET B 148 -4.53 -4.37 23.53
C MET B 148 -3.93 -5.76 23.45
N ASP B 149 -4.60 -6.62 22.69
CA ASP B 149 -4.23 -8.01 22.50
C ASP B 149 -2.82 -8.18 21.92
N ASN B 150 -2.31 -7.14 21.25
CA ASN B 150 -0.96 -7.16 20.70
C ASN B 150 0.08 -7.45 21.77
N PHE B 151 -0.20 -7.04 23.00
CA PHE B 151 0.77 -7.18 24.08
C PHE B 151 0.92 -8.60 24.63
N ALA B 152 0.09 -9.52 24.16
CA ALA B 152 0.25 -10.93 24.54
C ALA B 152 1.55 -11.50 23.99
N ALA B 153 1.82 -11.21 22.71
CA ALA B 153 3.03 -11.70 22.06
C ALA B 153 4.16 -10.67 22.05
N TRP B 154 3.81 -9.40 22.17
CA TRP B 154 4.78 -8.30 22.06
C TRP B 154 4.81 -7.42 23.31
N GLY B 155 4.68 -8.04 24.47
CA GLY B 155 4.75 -7.30 25.72
C GLY B 155 6.17 -7.08 26.19
N PRO B 156 6.31 -6.39 27.33
CA PRO B 156 7.63 -5.99 27.81
C PRO B 156 8.43 -7.15 28.37
N GLN B 157 9.75 -7.02 28.30
CA GLN B 157 10.66 -8.01 28.87
C GLN B 157 11.36 -7.42 30.08
N ALA B 158 11.86 -8.27 30.96
CA ALA B 158 12.62 -7.79 32.11
C ALA B 158 14.08 -7.56 31.70
N VAL B 159 14.57 -6.35 31.96
CA VAL B 159 15.95 -5.99 31.71
C VAL B 159 16.55 -5.47 33.00
N ASP B 160 17.49 -6.22 33.57
CA ASP B 160 18.08 -5.86 34.86
C ASP B 160 17.02 -5.58 35.94
N GLY B 161 15.98 -6.41 35.98
CA GLY B 161 14.96 -6.28 37.01
C GLY B 161 13.88 -5.23 36.76
N THR B 162 13.93 -4.59 35.59
CA THR B 162 12.92 -3.59 35.22
C THR B 162 12.21 -4.04 33.95
N LEU B 163 10.87 -4.01 33.96
CA LEU B 163 10.10 -4.28 32.75
C LEU B 163 10.27 -3.12 31.78
N VAL B 164 10.60 -3.41 30.53
CA VAL B 164 10.80 -2.38 29.54
C VAL B 164 9.82 -2.50 28.38
N VAL B 165 8.97 -1.49 28.21
CA VAL B 165 8.17 -1.37 27.00
C VAL B 165 8.98 -0.55 26.01
N ARG B 166 9.35 -1.17 24.89
CA ARG B 166 10.20 -0.51 23.91
C ARG B 166 9.49 -0.52 22.56
N LEU B 167 9.05 0.65 22.12
CA LEU B 167 8.24 0.79 20.91
C LEU B 167 8.62 2.08 20.20
N PRO B 168 8.32 2.16 18.89
CA PRO B 168 8.64 3.39 18.15
C PRO B 168 7.59 4.47 18.39
N LEU B 169 7.56 4.98 19.62
CA LEU B 169 6.67 6.07 20.05
C LEU B 169 7.53 7.07 20.80
N LYS B 170 7.20 8.36 20.69
CA LYS B 170 7.83 9.33 21.60
C LYS B 170 7.26 9.08 22.98
N PRO B 171 8.01 9.45 24.04
CA PRO B 171 7.44 9.27 25.39
C PRO B 171 6.10 10.01 25.57
N GLN B 172 5.89 11.13 24.86
CA GLN B 172 4.64 11.88 24.96
C GLN B 172 3.50 11.39 24.06
N THR B 173 3.80 10.50 23.13
CA THR B 173 2.77 10.02 22.21
C THR B 173 1.64 9.29 22.94
N ARG B 174 0.42 9.79 22.79
CA ARG B 174 -0.76 9.13 23.35
C ARG B 174 -1.34 8.20 22.31
N VAL B 175 -1.59 6.95 22.70
CA VAL B 175 -2.10 5.93 21.80
C VAL B 175 -3.45 5.39 22.28
N GLN B 176 -4.45 5.38 21.40
CA GLN B 176 -5.74 4.79 21.74
C GLN B 176 -5.70 3.29 21.49
N LEU B 177 -6.30 2.55 22.43
CA LEU B 177 -6.28 1.09 22.42
C LEU B 177 -7.68 0.51 22.54
N ILE B 178 -7.88 -0.68 21.99
CA ILE B 178 -9.15 -1.38 22.01
C ILE B 178 -8.88 -2.85 22.33
N ALA B 179 -9.70 -3.44 23.20
CA ALA B 179 -9.68 -4.89 23.42
C ALA B 179 -10.45 -5.54 22.28
N ALA B 180 -9.86 -6.56 21.65
CA ALA B 180 -10.52 -7.25 20.55
C ALA B 180 -11.92 -7.72 20.94
N GLU B 181 -12.09 -8.12 22.20
CA GLU B 181 -13.38 -8.58 22.66
C GLU B 181 -14.47 -7.53 22.41
N ASP B 182 -14.11 -6.26 22.53
CA ASP B 182 -15.05 -5.18 22.31
C ASP B 182 -15.37 -4.94 20.84
N ILE B 183 -14.43 -5.26 19.95
CA ILE B 183 -14.74 -5.22 18.53
C ILE B 183 -15.89 -6.19 18.26
N GLY B 184 -15.79 -7.39 18.82
CA GLY B 184 -16.84 -8.38 18.71
C GLY B 184 -18.17 -7.88 19.24
N VAL B 185 -18.14 -7.24 20.40
CA VAL B 185 -19.35 -6.68 21.00
C VAL B 185 -20.02 -5.70 20.05
N PHE B 186 -19.26 -4.79 19.49
CA PHE B 186 -19.83 -3.79 18.58
C PHE B 186 -20.35 -4.41 17.28
N ALA B 187 -19.66 -5.44 16.77
CA ALA B 187 -20.13 -6.12 15.57
C ALA B 187 -21.49 -6.77 15.82
N ALA B 188 -21.61 -7.51 16.93
CA ALA B 188 -22.87 -8.17 17.29
C ALA B 188 -23.98 -7.14 17.53
N THR B 189 -23.63 -6.05 18.20
CA THR B 189 -24.59 -4.98 18.46
C THR B 189 -25.11 -4.37 17.16
N ALA B 190 -24.21 -4.14 16.21
CA ALA B 190 -24.59 -3.58 14.92
C ALA B 190 -25.62 -4.44 14.19
N PHE B 191 -25.39 -5.75 14.13
CA PHE B 191 -26.33 -6.65 13.46
C PHE B 191 -27.73 -6.62 14.10
N ASP B 192 -27.78 -6.46 15.41
CA ASP B 192 -29.06 -6.49 16.12
C ASP B 192 -29.71 -5.12 16.24
N ASP B 193 -29.02 -4.07 15.82
CA ASP B 193 -29.61 -2.74 15.77
C ASP B 193 -29.25 -2.01 14.47
N PRO B 194 -29.78 -2.50 13.33
CA PRO B 194 -29.39 -1.88 12.06
C PRO B 194 -29.92 -0.44 11.89
N ASP B 195 -31.00 -0.10 12.57
CA ASP B 195 -31.49 1.28 12.52
C ASP B 195 -30.40 2.26 12.94
N THR B 196 -29.68 1.92 14.00
CA THR B 196 -28.59 2.75 14.48
C THR B 196 -27.33 2.58 13.62
N TYR B 197 -27.02 1.35 13.26
CA TYR B 197 -25.69 1.03 12.75
C TYR B 197 -25.50 0.93 11.24
N VAL B 198 -26.57 0.69 10.49
CA VAL B 198 -26.43 0.66 9.04
C VAL B 198 -26.09 2.07 8.54
N GLY B 199 -25.04 2.18 7.75
CA GLY B 199 -24.60 3.47 7.24
C GLY B 199 -23.64 4.18 8.17
N ALA B 200 -23.34 3.56 9.31
CA ALA B 200 -22.45 4.17 10.31
C ALA B 200 -21.01 3.69 10.17
N ALA B 201 -20.08 4.56 10.54
CA ALA B 201 -18.67 4.19 10.73
C ALA B 201 -18.29 4.65 12.13
N LEU B 202 -17.64 3.78 12.87
CA LEU B 202 -17.35 4.06 14.27
C LEU B 202 -15.94 3.64 14.66
N GLU B 203 -15.14 4.62 15.08
CA GLU B 203 -13.78 4.38 15.54
C GLU B 203 -13.82 3.88 16.98
N LEU B 204 -13.12 2.78 17.25
CA LEU B 204 -13.26 2.06 18.52
C LEU B 204 -12.02 2.09 19.40
N ALA B 205 -12.17 2.63 20.60
CA ALA B 205 -11.12 2.57 21.63
C ALA B 205 -11.76 2.49 23.00
N GLY B 206 -11.09 1.80 23.93
CA GLY B 206 -11.51 1.71 25.31
C GLY B 206 -10.55 2.35 26.30
N ASP B 207 -9.40 2.79 25.81
CA ASP B 207 -8.40 3.42 26.65
C ASP B 207 -7.48 4.27 25.78
N GLU B 208 -6.73 5.14 26.42
CA GLU B 208 -5.77 5.99 25.73
CA GLU B 208 -5.76 5.97 25.73
C GLU B 208 -4.59 6.21 26.67
N LEU B 209 -3.40 5.77 26.27
CA LEU B 209 -2.25 5.79 27.16
C LEU B 209 -0.98 6.13 26.40
N THR B 210 -0.03 6.75 27.08
CA THR B 210 1.32 6.90 26.55
C THR B 210 2.14 5.65 26.84
N GLY B 211 3.31 5.53 26.21
CA GLY B 211 4.24 4.46 26.51
C GLY B 211 4.61 4.35 27.99
N PRO B 212 4.99 5.47 28.62
CA PRO B 212 5.26 5.39 30.06
C PRO B 212 4.06 4.91 30.87
N GLU B 213 2.85 5.28 30.48
CA GLU B 213 1.65 4.84 31.19
C GLU B 213 1.40 3.35 30.97
N LEU B 214 1.65 2.86 29.75
CA LEU B 214 1.54 1.43 29.47
C LEU B 214 2.53 0.66 30.35
N ALA B 215 3.77 1.11 30.39
CA ALA B 215 4.77 0.48 31.23
C ALA B 215 4.33 0.46 32.70
N ALA B 216 3.79 1.57 33.18
CA ALA B 216 3.30 1.65 34.56
C ALA B 216 2.21 0.61 34.84
N ARG B 217 1.32 0.39 33.88
CA ARG B 217 0.26 -0.60 34.04
C ARG B 217 0.86 -2.01 34.24
N PHE B 218 1.84 -2.35 33.43
CA PHE B 218 2.51 -3.65 33.56
C PHE B 218 3.22 -3.75 34.91
N GLY B 219 3.94 -2.69 35.27
CA GLY B 219 4.69 -2.67 36.51
C GLY B 219 3.80 -2.81 37.73
N GLU B 220 2.66 -2.13 37.71
CA GLU B 220 1.72 -2.21 38.83
C GLU B 220 1.18 -3.62 39.02
N LEU B 221 0.82 -4.27 37.92
CA LEU B 221 0.29 -5.63 37.98
C LEU B 221 1.36 -6.63 38.41
N ALA B 222 2.56 -6.47 37.88
CA ALA B 222 3.64 -7.42 38.10
C ALA B 222 4.33 -7.22 39.45
N GLY B 223 4.11 -6.07 40.07
CA GLY B 223 4.86 -5.71 41.27
C GLY B 223 6.33 -5.52 40.97
N MET B 224 6.63 -4.89 39.85
CA MET B 224 8.00 -4.70 39.38
C MET B 224 8.18 -3.26 38.92
N PRO B 225 9.42 -2.76 39.01
CA PRO B 225 9.72 -1.49 38.34
C PRO B 225 9.50 -1.64 36.83
N ALA B 226 9.11 -0.55 36.17
CA ALA B 226 8.87 -0.59 34.73
C ALA B 226 9.17 0.76 34.11
N ARG B 227 9.55 0.75 32.83
CA ARG B 227 9.83 1.99 32.12
C ARG B 227 9.56 1.85 30.63
N PHE B 228 9.34 2.99 29.99
CA PHE B 228 9.18 3.03 28.55
C PHE B 228 10.46 3.55 27.90
N GLU B 229 10.83 2.97 26.77
CA GLU B 229 11.98 3.42 25.98
C GLU B 229 11.58 3.55 24.52
N GLU B 230 11.87 4.71 23.93
CA GLU B 230 11.58 4.93 22.51
C GLU B 230 12.57 4.17 21.63
N ARG B 231 12.04 3.49 20.61
CA ARG B 231 12.83 2.85 19.58
C ARG B 231 12.80 3.73 18.34
N SER B 232 13.91 3.88 17.66
CA SER B 232 13.90 4.71 16.45
C SER B 232 13.06 4.06 15.35
N LEU B 233 12.44 4.89 14.52
CA LEU B 233 11.63 4.40 13.41
C LEU B 233 12.47 3.61 12.38
N ASP B 234 13.68 4.07 12.09
CA ASP B 234 14.55 3.35 11.16
C ASP B 234 14.88 1.97 11.70
N GLU B 235 15.17 1.88 12.99
CA GLU B 235 15.50 0.59 13.58
C GLU B 235 14.30 -0.36 13.53
N ALA B 236 13.13 0.15 13.92
CA ALA B 236 11.90 -0.63 13.84
C ALA B 236 11.64 -1.12 12.41
N ALA B 237 11.85 -0.25 11.43
CA ALA B 237 11.58 -0.58 10.04
C ALA B 237 12.43 -1.74 9.54
N ALA B 238 13.65 -1.85 10.07
CA ALA B 238 14.60 -2.86 9.59
C ALA B 238 14.53 -4.18 10.35
N ASP B 239 13.70 -4.27 11.38
CA ASP B 239 13.69 -5.43 12.27
C ASP B 239 13.31 -6.72 11.54
N PRO B 240 14.25 -7.67 11.44
CA PRO B 240 13.95 -8.93 10.75
C PRO B 240 12.96 -9.81 11.50
N TRP B 241 12.70 -9.51 12.76
CA TRP B 241 11.73 -10.28 13.54
C TRP B 241 10.30 -9.75 13.48
N ILE B 242 10.11 -8.62 12.81
CA ILE B 242 8.79 -8.04 12.66
C ILE B 242 8.33 -8.14 11.21
N PRO B 243 7.32 -8.97 10.94
CA PRO B 243 6.77 -9.07 9.59
C PRO B 243 6.21 -7.73 9.12
N TYR B 244 6.46 -7.37 7.86
CA TYR B 244 5.96 -6.09 7.31
C TYR B 244 6.44 -4.92 8.17
N SER B 245 7.69 -5.00 8.61
CA SER B 245 8.25 -4.03 9.55
C SER B 245 8.25 -2.60 9.00
N HIS B 246 8.45 -2.46 7.69
CA HIS B 246 8.43 -1.12 7.10
C HIS B 246 7.05 -0.46 7.17
N GLU B 247 6.02 -1.22 6.79
CA GLU B 247 4.65 -0.71 6.90
C GLU B 247 4.30 -0.39 8.34
N ILE B 248 4.71 -1.26 9.26
CA ILE B 248 4.46 -1.06 10.68
C ILE B 248 5.17 0.20 11.17
N ALA B 249 6.39 0.44 10.72
CA ALA B 249 7.09 1.68 11.07
C ALA B 249 6.41 2.92 10.52
N VAL B 250 5.86 2.84 9.32
CA VAL B 250 5.06 3.95 8.78
C VAL B 250 3.87 4.23 9.70
N MET B 251 3.21 3.16 10.13
CA MET B 251 2.08 3.26 11.05
C MET B 251 2.48 3.91 12.37
N PHE B 252 3.59 3.49 12.97
CA PHE B 252 4.02 4.07 14.23
C PHE B 252 4.37 5.55 14.06
N GLU B 253 4.97 5.90 12.93
CA GLU B 253 5.24 7.32 12.66
C GLU B 253 3.92 8.12 12.61
N TRP B 254 2.88 7.55 12.03
CA TRP B 254 1.55 8.16 12.01
C TRP B 254 0.94 8.26 13.41
N PHE B 255 1.19 7.28 14.29
CA PHE B 255 0.77 7.44 15.68
C PHE B 255 1.42 8.69 16.27
N GLN B 256 2.70 8.89 15.94
CA GLN B 256 3.45 10.04 16.47
C GLN B 256 2.96 11.38 15.92
N THR B 257 2.64 11.43 14.62
CA THR B 257 2.28 12.70 13.99
C THR B 257 0.79 13.02 14.04
N ASP B 258 -0.04 11.99 14.13
CA ASP B 258 -1.48 12.13 13.95
C ASP B 258 -2.23 11.35 15.02
N GLY B 259 -2.45 10.06 14.77
CA GLY B 259 -3.04 9.19 15.78
C GLY B 259 -4.54 8.98 15.67
N TYR B 260 -5.04 8.07 16.51
CA TYR B 260 -6.44 7.71 16.53
C TYR B 260 -7.29 8.80 17.18
N ALA B 261 -8.59 8.75 16.91
CA ALA B 261 -9.51 9.81 17.36
C ALA B 261 -10.90 9.30 17.73
N ALA B 262 -10.97 8.12 18.34
CA ALA B 262 -12.22 7.63 18.89
C ALA B 262 -12.69 8.54 20.03
N ASP B 263 -14.01 8.60 20.23
CA ASP B 263 -14.60 9.30 21.37
C ASP B 263 -14.90 8.22 22.41
N ILE B 264 -13.96 8.01 23.33
CA ILE B 264 -14.05 6.91 24.28
C ILE B 264 -15.27 7.04 25.20
N ALA B 265 -15.50 8.24 25.72
CA ALA B 265 -16.65 8.48 26.58
C ALA B 265 -17.98 8.14 25.89
N ALA B 266 -18.10 8.51 24.63
CA ALA B 266 -19.32 8.21 23.89
C ALA B 266 -19.48 6.71 23.65
N LEU B 267 -18.36 6.02 23.42
CA LEU B 267 -18.40 4.58 23.25
C LEU B 267 -18.80 3.87 24.54
N ARG B 268 -18.32 4.37 25.67
CA ARG B 268 -18.64 3.80 26.96
CA ARG B 268 -18.63 3.80 26.98
C ARG B 268 -20.10 4.00 27.34
N ALA B 269 -20.68 5.09 26.85
CA ALA B 269 -22.11 5.36 27.06
C ALA B 269 -22.94 4.32 26.30
N ARG B 270 -22.47 3.95 25.11
CA ARG B 270 -23.14 2.92 24.31
C ARG B 270 -22.91 1.53 24.89
N HIS B 271 -21.69 1.32 25.36
CA HIS B 271 -21.23 0.00 25.77
C HIS B 271 -20.54 0.14 27.13
N PRO B 272 -21.33 0.10 28.22
CA PRO B 272 -20.76 0.31 29.55
C PRO B 272 -19.68 -0.73 29.91
N GLY B 273 -19.68 -1.88 29.26
CA GLY B 273 -18.68 -2.90 29.50
C GLY B 273 -17.35 -2.71 28.79
N LEU B 274 -17.21 -1.61 28.06
CA LEU B 274 -15.98 -1.30 27.31
C LEU B 274 -14.73 -1.44 28.17
N ARG B 275 -13.76 -2.22 27.68
CA ARG B 275 -12.60 -2.57 28.49
C ARG B 275 -11.48 -1.53 28.46
N THR B 276 -10.91 -1.26 29.64
CA THR B 276 -9.68 -0.49 29.74
C THR B 276 -8.47 -1.42 29.54
N PHE B 277 -7.27 -0.86 29.47
CA PHE B 277 -6.07 -1.69 29.39
C PHE B 277 -5.90 -2.52 30.66
N ALA B 278 -6.18 -1.92 31.80
CA ALA B 278 -6.16 -2.67 33.06
C ALA B 278 -7.11 -3.88 33.02
N ASP B 279 -8.29 -3.70 32.42
CA ASP B 279 -9.22 -4.82 32.25
C ASP B 279 -8.63 -5.92 31.36
N TRP B 280 -7.95 -5.53 30.28
CA TRP B 280 -7.34 -6.52 29.40
C TRP B 280 -6.29 -7.34 30.16
N LEU B 281 -5.46 -6.64 30.94
CA LEU B 281 -4.42 -7.32 31.72
C LEU B 281 -5.03 -8.33 32.68
N ARG B 282 -6.12 -7.95 33.33
CA ARG B 282 -6.80 -8.86 34.25
C ARG B 282 -7.44 -10.03 33.52
N ALA B 283 -8.06 -9.77 32.36
CA ALA B 283 -8.79 -10.81 31.65
C ALA B 283 -7.87 -11.90 31.12
N ILE B 284 -6.67 -11.52 30.69
CA ILE B 284 -5.75 -12.48 30.10
C ILE B 284 -4.83 -13.08 31.18
N GLY B 285 -4.78 -12.45 32.35
CA GLY B 285 -3.88 -12.89 33.40
C GLY B 285 -2.42 -12.73 33.01
N TRP B 286 -2.07 -11.53 32.56
CA TRP B 286 -0.72 -11.26 32.07
C TRP B 286 0.36 -11.53 33.12
N ARG B 287 1.41 -12.22 32.70
CA ARG B 287 2.54 -12.52 33.56
C ARG B 287 3.85 -12.16 32.86
N VAL B 288 4.87 -11.84 33.65
CA VAL B 288 6.22 -11.58 33.13
C VAL B 288 6.81 -12.87 32.57
N PRO B 289 7.48 -12.78 31.40
CA PRO B 289 8.12 -13.98 30.84
C PRO B 289 9.42 -14.31 31.56
PA NAD C . 14.13 -0.04 -11.64
O1A NAD C . 13.80 -1.33 -10.96
O2A NAD C . 14.46 -0.01 -13.10
O5B NAD C . 15.37 0.68 -10.95
C5B NAD C . 15.45 0.86 -9.54
C4B NAD C . 16.76 1.58 -9.25
O4B NAD C . 16.77 1.84 -7.86
C3B NAD C . 18.02 0.77 -9.52
O3B NAD C . 19.06 1.71 -9.81
C2B NAD C . 18.28 0.14 -8.17
O2B NAD C . 19.62 -0.33 -8.00
C1B NAD C . 17.94 1.32 -7.27
N9A NAD C . 17.63 0.91 -5.89
C8A NAD C . 16.80 -0.07 -5.48
N7A NAD C . 16.80 -0.15 -4.13
C5A NAD C . 17.63 0.79 -3.67
C6A NAD C . 18.10 1.25 -2.35
N6A NAD C . 17.68 0.68 -1.21
N1A NAD C . 18.98 2.28 -2.32
C2A NAD C . 19.43 2.87 -3.44
N3A NAD C . 19.06 2.50 -4.68
C4A NAD C . 18.16 1.49 -4.83
O3 NAD C . 12.93 0.99 -11.32
PN NAD C . 12.20 1.99 -12.33
O1N NAD C . 13.19 2.98 -12.85
O2N NAD C . 11.35 1.19 -13.29
O5D NAD C . 11.28 2.77 -11.29
C5D NAD C . 10.43 2.06 -10.38
C4D NAD C . 9.21 2.89 -10.07
O4D NAD C . 8.53 3.23 -11.29
C3D NAD C . 8.21 2.13 -9.20
O3D NAD C . 7.85 2.90 -8.05
C2D NAD C . 7.00 2.01 -10.11
O2D NAD C . 5.78 1.97 -9.38
C1D NAD C . 7.14 3.24 -10.97
N1N NAD C . 6.36 3.20 -12.20
C2N NAD C . 6.48 2.17 -13.05
C3N NAD C . 5.73 2.11 -14.21
C7N NAD C . 5.87 0.95 -15.15
O7N NAD C . 5.10 0.85 -16.10
N7N NAD C . 6.84 0.06 -14.95
C4N NAD C . 4.82 3.25 -14.59
C5N NAD C . 4.76 4.32 -13.60
C6N NAD C . 5.56 4.25 -12.47
C1 5VD D . 3.94 0.47 -11.87
C2 5VD D . 3.38 1.72 -12.07
O14 5VD D . 2.05 -7.41 -15.12
C3 5VD D . 2.61 2.00 -13.20
C8 5VD D . 4.57 -4.28 -13.61
C4 5VD D . 2.40 1.09 -14.21
C5 5VD D . 2.91 -3.57 -15.91
C6 5VD D . 3.42 -4.84 -15.78
C7 5VD D . 4.27 -5.26 -14.65
C10 5VD D . 4.44 -7.53 -15.62
CG 5VD D . 4.31 -1.94 -12.72
CD1 5VD D . 4.03 -2.92 -13.77
CE1 5VD D . 3.20 -2.61 -14.96
CZ 5VD D . 2.66 -1.26 -15.13
CE2 5VD D . 2.93 -0.27 -14.09
CD2 5VD D . 3.74 -0.58 -12.89
C9 5VD D . 4.78 -6.61 -14.46
C11 5VD D . 3.04 -7.27 -16.17
C12 5VD D . 3.04 -5.86 -16.78
O16 5VD D . 5.03 -2.24 -11.73
O17 5VD D . 1.97 -0.97 -16.15
O18 5VD D . 4.65 0.19 -10.76
O19 5VD D . 1.66 1.40 -15.29
C13 5VD D . 2.68 -8.34 -17.21
C14 5VD D . 3.66 -5.72 -18.09
O20 5VD D . 4.85 -5.58 -18.24
O21 5VD D . 2.70 -5.73 -19.15
C22 5VD D . 3.21 -5.65 -20.47
O1 5VD D . 4.06 -7.06 -13.30
O2 5VD D . 5.33 -4.61 -12.57
C1 GOL E . -10.87 2.48 -18.90
O1 GOL E . -11.34 3.52 -18.08
C2 GOL E . -9.95 3.06 -19.95
O2 GOL E . -10.52 2.86 -21.23
C3 GOL E . -9.74 4.55 -19.67
O3 GOL E . -8.87 5.12 -20.62
C1 GOL F . 9.73 -4.43 -15.95
O1 GOL F . 9.86 -5.48 -16.88
C2 GOL F . 8.28 -4.35 -15.45
O2 GOL F . 7.41 -4.99 -16.35
C3 GOL F . 8.19 -5.03 -14.09
O3 GOL F . 8.58 -4.12 -13.09
C1 GOL G . 19.90 10.10 11.29
O1 GOL G . 20.49 9.71 10.06
C2 GOL G . 18.40 10.27 11.11
O2 GOL G . 18.15 11.39 10.30
C3 GOL G . 17.76 10.44 12.49
O3 GOL G . 16.38 10.15 12.39
C1 GOL H . 14.39 27.80 -19.46
O1 GOL H . 13.95 29.14 -19.34
C2 GOL H . 14.02 27.26 -20.84
O2 GOL H . 14.90 27.78 -21.80
C3 GOL H . 12.58 27.64 -21.16
O3 GOL H . 12.16 26.96 -22.32
C1 GOL I . 14.71 12.82 -26.84
O1 GOL I . 15.59 11.88 -26.25
C2 GOL I . 15.51 14.00 -27.38
O2 GOL I . 14.79 14.63 -28.42
C3 GOL I . 15.75 15.00 -26.25
O3 GOL I . 14.82 16.07 -26.31
PA NAD J . -5.57 -12.66 12.62
O1A NAD J . -5.75 -12.84 14.10
O2A NAD J . -4.23 -12.84 12.01
O5B NAD J . -6.62 -13.62 11.92
C5B NAD J . -6.66 -13.82 10.52
C4B NAD J . -7.83 -14.72 10.21
O4B NAD J . -8.06 -14.73 8.79
C3B NAD J . -7.53 -16.16 10.59
O3B NAD J . -8.77 -16.78 10.91
C2B NAD J . -6.97 -16.71 9.30
O2B NAD J . -6.99 -18.14 9.24
C1B NAD J . -7.91 -16.06 8.30
N9A NAD J . -7.39 -16.06 6.92
C8A NAD J . -6.17 -15.68 6.51
N7A NAD J . -6.06 -15.81 5.16
C5A NAD J . -7.24 -16.27 4.71
C6A NAD J . -7.81 -16.63 3.40
N6A NAD J . -7.07 -16.52 2.27
N1A NAD J . -9.09 -17.06 3.37
C2A NAD J . -9.84 -17.18 4.49
N3A NAD J . -9.38 -16.87 5.70
C4A NAD J . -8.12 -16.43 5.87
O3 NAD J . -6.06 -11.20 12.18
PN NAD J . -6.83 -10.10 13.07
O1N NAD J . -5.86 -9.49 14.05
O2N NAD J . -8.11 -10.67 13.60
O5D NAD J . -7.23 -9.04 11.95
C5D NAD J . -6.22 -8.58 11.04
C4D NAD J . -6.56 -7.17 10.61
O4D NAD J . -6.70 -6.35 11.77
C3D NAD J . -5.45 -6.55 9.75
O3D NAD J . -6.02 -6.03 8.53
C2D NAD J . -4.96 -5.40 10.61
O2D NAD J . -4.49 -4.30 9.84
C1D NAD J . -6.21 -5.07 11.42
N1N NAD J . -5.96 -4.28 12.61
C2N NAD J . -5.05 -4.70 13.51
C3N NAD J . -4.78 -3.96 14.65
C7N NAD J . -3.80 -4.40 15.68
O7N NAD J . -3.54 -3.63 16.59
N7N NAD J . -3.24 -5.60 15.60
C4N NAD J . -5.54 -2.70 14.93
C5N NAD J . -6.48 -2.35 13.88
C6N NAD J . -6.66 -3.16 12.78
C1 5VD K . -2.56 -2.96 12.31
C2 5VD K . -3.57 -2.01 12.34
O14 5VD K . 5.31 -3.76 15.97
C3 5VD K . -3.66 -1.09 13.39
C8 5VD K . 1.52 -4.99 14.42
C4 5VD K . -2.79 -1.09 14.48
C5 5VD K . 1.34 -3.10 16.60
C6 5VD K . 2.37 -4.03 16.56
C7 5VD K . 2.50 -5.02 15.49
C10 5VD K . 4.52 -5.97 16.60
CG 5VD K . -0.54 -4.02 13.36
CD1 5VD K . 0.44 -4.00 14.47
CE1 5VD K . 0.37 -3.04 15.60
CZ 5VD K . -0.73 -2.05 15.63
CE2 5VD K . -1.70 -2.06 14.52
CD2 5VD K . -1.59 -3.01 13.39
C9 5VD K . 3.60 -6.00 15.39
C11 5VD K . 4.78 -4.55 17.06
C12 5VD K . 3.43 -4.00 17.59
O16 5VD K . -0.44 -4.84 12.42
O17 5VD K . -0.84 -1.25 16.59
O18 5VD K . -2.39 -3.83 11.27
O19 5VD K . -2.87 -0.22 15.51
C13 5VD K . 5.85 -4.51 18.13
C14 5VD K . 3.02 -4.45 18.92
O20 5VD K . 2.49 -5.51 19.11
O21 5VD K . 3.32 -3.49 19.93
C22 5VD K . 3.00 -3.84 21.27
O1 5VD K . 4.38 -5.60 14.24
O2 5VD K . 1.59 -5.88 13.42
C1 GOL L . -0.28 -8.17 15.35
O1 GOL L . 0.35 -8.69 14.19
C2 GOL L . 0.55 -8.54 16.58
O2 GOL L . 0.93 -7.36 17.26
C3 GOL L . -0.30 -9.40 17.52
O3 GOL L . 0.53 -10.34 18.16
C1 GOL M . -0.17 12.26 18.08
O1 GOL M . -0.19 13.60 18.51
C2 GOL M . -0.82 11.37 19.13
O2 GOL M . -2.17 11.70 19.42
C3 GOL M . 0.03 11.36 20.36
O3 GOL M . -0.10 12.54 21.10
C1 GOL N . 5.03 -11.04 25.59
O1 GOL N . 4.88 -12.40 25.23
C2 GOL N . 4.44 -10.83 26.98
O2 GOL N . 3.16 -10.26 26.86
C3 GOL N . 5.34 -9.90 27.77
O3 GOL N . 6.69 -10.31 27.67
C1 GOL O . -15.37 -13.88 -11.76
O1 GOL O . -15.28 -12.48 -11.66
C2 GOL O . -15.65 -14.50 -10.40
O2 GOL O . -16.84 -13.97 -9.86
C3 GOL O . -15.81 -16.02 -10.57
O3 GOL O . -16.08 -16.63 -9.33
C1 GOL P . -23.69 -22.95 -0.36
O1 GOL P . -24.00 -23.75 0.76
C2 GOL P . -24.40 -23.44 -1.61
O2 GOL P . -23.42 -23.90 -2.52
C3 GOL P . -25.17 -22.28 -2.24
O3 GOL P . -24.33 -21.52 -3.08
N1 EPE Q . -19.10 -5.91 31.85
C2 EPE Q . -20.58 -5.92 31.86
C3 EPE Q . -21.13 -4.52 31.61
N4 EPE Q . -20.58 -3.60 32.57
C5 EPE Q . -19.53 -4.09 33.44
C6 EPE Q . -18.50 -4.78 32.56
C7 EPE Q . -21.06 -2.24 32.69
C8 EPE Q . -20.49 -1.50 33.89
O8 EPE Q . -20.29 -0.15 33.56
C9 EPE Q . -18.58 -7.15 32.44
C10 EPE Q . -19.11 -8.34 31.65
S EPE Q . -17.83 -9.55 31.22
O1S EPE Q . -17.01 -9.87 32.38
O2S EPE Q . -16.99 -8.98 30.18
O3S EPE Q . -18.47 -10.77 30.72
N1 EPE R . -25.98 -25.63 13.73
C2 EPE R . -24.84 -25.09 14.50
C3 EPE R . -23.67 -26.07 14.45
N4 EPE R . -24.04 -27.44 14.77
C5 EPE R . -25.38 -27.92 14.48
C6 EPE R . -26.46 -26.84 14.42
C7 EPE R . -22.98 -28.43 14.75
C8 EPE R . -21.64 -27.88 15.23
O8 EPE R . -21.67 -27.72 16.64
C9 EPE R . -27.06 -24.64 13.76
C10 EPE R . -27.87 -24.70 12.46
S EPE R . -29.35 -23.67 12.56
O1S EPE R . -30.13 -23.79 11.34
O2S EPE R . -28.95 -22.29 12.76
O3S EPE R . -30.17 -24.10 13.70
MG MG S . -24.81 -22.00 12.77
#